data_1CWN
# 
_entry.id   1CWN 
# 
_audit_conform.dict_name       mmcif_pdbx.dic 
_audit_conform.dict_version    5.385 
_audit_conform.dict_location   http://mmcif.pdb.org/dictionaries/ascii/mmcif_pdbx.dic 
# 
loop_
_database_2.database_id 
_database_2.database_code 
_database_2.pdbx_database_accession 
_database_2.pdbx_DOI 
PDB   1CWN         pdb_00001cwn 10.2210/pdb1cwn/pdb 
WWPDB D_1000172577 ?            ?                   
# 
loop_
_pdbx_audit_revision_history.ordinal 
_pdbx_audit_revision_history.data_content_type 
_pdbx_audit_revision_history.major_revision 
_pdbx_audit_revision_history.minor_revision 
_pdbx_audit_revision_history.revision_date 
1 'Structure model' 1 0 1998-02-04 
2 'Structure model' 1 1 2008-03-24 
3 'Structure model' 1 2 2011-07-13 
4 'Structure model' 1 3 2024-02-07 
# 
_pdbx_audit_revision_details.ordinal             1 
_pdbx_audit_revision_details.revision_ordinal    1 
_pdbx_audit_revision_details.data_content_type   'Structure model' 
_pdbx_audit_revision_details.provider            repository 
_pdbx_audit_revision_details.type                'Initial release' 
_pdbx_audit_revision_details.description         ? 
_pdbx_audit_revision_details.details             ? 
# 
loop_
_pdbx_audit_revision_group.ordinal 
_pdbx_audit_revision_group.revision_ordinal 
_pdbx_audit_revision_group.data_content_type 
_pdbx_audit_revision_group.group 
1 2 'Structure model' 'Version format compliance' 
2 3 'Structure model' 'Version format compliance' 
3 4 'Structure model' 'Data collection'           
4 4 'Structure model' 'Database references'       
5 4 'Structure model' 'Derived calculations'      
6 4 'Structure model' Other                       
# 
loop_
_pdbx_audit_revision_category.ordinal 
_pdbx_audit_revision_category.revision_ordinal 
_pdbx_audit_revision_category.data_content_type 
_pdbx_audit_revision_category.category 
1 4 'Structure model' chem_comp_atom       
2 4 'Structure model' chem_comp_bond       
3 4 'Structure model' database_2           
4 4 'Structure model' pdbx_database_status 
5 4 'Structure model' struct_site          
# 
loop_
_pdbx_audit_revision_item.ordinal 
_pdbx_audit_revision_item.revision_ordinal 
_pdbx_audit_revision_item.data_content_type 
_pdbx_audit_revision_item.item 
1 4 'Structure model' '_database_2.pdbx_DOI'                
2 4 'Structure model' '_database_2.pdbx_database_accession' 
3 4 'Structure model' '_pdbx_database_status.process_site'  
4 4 'Structure model' '_struct_site.pdbx_auth_asym_id'      
5 4 'Structure model' '_struct_site.pdbx_auth_comp_id'      
6 4 'Structure model' '_struct_site.pdbx_auth_seq_id'       
# 
_pdbx_database_status.status_code                     REL 
_pdbx_database_status.entry_id                        1CWN 
_pdbx_database_status.recvd_initial_deposition_date   1996-07-30 
_pdbx_database_status.deposit_site                    ? 
_pdbx_database_status.process_site                    BNL 
_pdbx_database_status.SG_entry                        . 
_pdbx_database_status.pdb_format_compatible           Y 
_pdbx_database_status.status_code_mr                  ? 
_pdbx_database_status.status_code_sf                  ? 
_pdbx_database_status.status_code_cs                  ? 
_pdbx_database_status.status_code_nmr_data            ? 
_pdbx_database_status.methods_development_category    ? 
# 
_audit_author.name           'El-Kabbani, O.' 
_audit_author.pdbx_ordinal   1 
# 
loop_
_citation.id 
_citation.title 
_citation.journal_abbrev 
_citation.journal_volume 
_citation.page_first 
_citation.page_last 
_citation.year 
_citation.journal_id_ASTM 
_citation.country 
_citation.journal_id_ISSN 
_citation.journal_id_CSD 
_citation.book_publisher 
_citation.pdbx_database_id_PubMed 
_citation.pdbx_database_id_DOI 
primary 
'Crystal structure of porcine aldehyde reductase at 2.0 angstrom resolution: Modeling an inhibitor in the active site of the enzyme.' 
'Protein Pept.Lett.' 3 427 434 1996 PPELEN NE 0929-8665 2077 ? -1 ? 
1       'Structure of Porcine Aldehyde Reductase Holoenzyme' Nat.Struct.Biol.     2 687 ?   1995 NSBIEW US 1072-8368 2024 ? ?  ? 
# 
loop_
_citation_author.citation_id 
_citation_author.name 
_citation_author.ordinal 
_citation_author.identifier_ORCID 
primary 'ElKabbani, O.'  1  ? 
primary 'Carper, D.A.'   2  ? 
primary 'McGowan, M.H.'  3  ? 
primary 'Ginell, S.L.'   4  ? 
1       'El-Kabbani, O.' 5  ? 
1       'Judge, K.'      6  ? 
1       'Ginell, S.L.'   7  ? 
1       'Myles, D.A.'    8  ? 
1       'Delucas, L.J.'  9  ? 
1       'Flynn, T.G.'    10 ? 
# 
loop_
_entity.id 
_entity.type 
_entity.src_method 
_entity.pdbx_description 
_entity.formula_weight 
_entity.pdbx_number_of_molecules 
_entity.pdbx_ec 
_entity.pdbx_mutation 
_entity.pdbx_fragment 
_entity.details 
1 polymer     nat 'ALDEHYDE REDUCTASE'                               36452.691 1 1.1.1.2 ? ? ? 
2 non-polymer syn 'NADP NICOTINAMIDE-ADENINE-DINUCLEOTIDE PHOSPHATE' 743.405   1 ?       ? ? ? 
# 
_entity_name_com.entity_id   1 
_entity_name_com.name        ALR1 
# 
_entity_poly.entity_id                      1 
_entity_poly.type                           'polypeptide(L)' 
_entity_poly.nstd_linkage                   no 
_entity_poly.nstd_monomer                   no 
_entity_poly.pdbx_seq_one_letter_code       
;AASCVLLHTGQKMPLIGLGTWKSEPGQVKAAIKYALTVGYRHIDCAAIYGNELEIGEALTETVGPGKAVPREELFVTSKL
WNTKHHPEDVEPALRKTLADLQLEYLDLYLMHWPYAFERGDNPFPKNADGTIRYDATHYKDTWKALEALVAKGLVRALGL
SNFSSRQIDDVLSVASVRPAVLQVECHPYLAQNELIAHCQARGLEVTAYSPLGSSDRAWRDPNEPVLLEEPVVQALAEKY
NRSPAQILLRWQVQRKVICIPKSVTPSRIPQNIQVFDFTFSPEEMKQLDALNKNLRFIVPMLTVDGKRVPRDAGHPLYPF
NDPY
;
_entity_poly.pdbx_seq_one_letter_code_can   
;AASCVLLHTGQKMPLIGLGTWKSEPGQVKAAIKYALTVGYRHIDCAAIYGNELEIGEALTETVGPGKAVPREELFVTSKL
WNTKHHPEDVEPALRKTLADLQLEYLDLYLMHWPYAFERGDNPFPKNADGTIRYDATHYKDTWKALEALVAKGLVRALGL
SNFSSRQIDDVLSVASVRPAVLQVECHPYLAQNELIAHCQARGLEVTAYSPLGSSDRAWRDPNEPVLLEEPVVQALAEKY
NRSPAQILLRWQVQRKVICIPKSVTPSRIPQNIQVFDFTFSPEEMKQLDALNKNLRFIVPMLTVDGKRVPRDAGHPLYPF
NDPY
;
_entity_poly.pdbx_strand_id                 A 
_entity_poly.pdbx_target_identifier         ? 
# 
_pdbx_entity_nonpoly.entity_id   2 
_pdbx_entity_nonpoly.name        'NADP NICOTINAMIDE-ADENINE-DINUCLEOTIDE PHOSPHATE' 
_pdbx_entity_nonpoly.comp_id     NAP 
# 
loop_
_entity_poly_seq.entity_id 
_entity_poly_seq.num 
_entity_poly_seq.mon_id 
_entity_poly_seq.hetero 
1 1   ALA n 
1 2   ALA n 
1 3   SER n 
1 4   CYS n 
1 5   VAL n 
1 6   LEU n 
1 7   LEU n 
1 8   HIS n 
1 9   THR n 
1 10  GLY n 
1 11  GLN n 
1 12  LYS n 
1 13  MET n 
1 14  PRO n 
1 15  LEU n 
1 16  ILE n 
1 17  GLY n 
1 18  LEU n 
1 19  GLY n 
1 20  THR n 
1 21  TRP n 
1 22  LYS n 
1 23  SER n 
1 24  GLU n 
1 25  PRO n 
1 26  GLY n 
1 27  GLN n 
1 28  VAL n 
1 29  LYS n 
1 30  ALA n 
1 31  ALA n 
1 32  ILE n 
1 33  LYS n 
1 34  TYR n 
1 35  ALA n 
1 36  LEU n 
1 37  THR n 
1 38  VAL n 
1 39  GLY n 
1 40  TYR n 
1 41  ARG n 
1 42  HIS n 
1 43  ILE n 
1 44  ASP n 
1 45  CYS n 
1 46  ALA n 
1 47  ALA n 
1 48  ILE n 
1 49  TYR n 
1 50  GLY n 
1 51  ASN n 
1 52  GLU n 
1 53  LEU n 
1 54  GLU n 
1 55  ILE n 
1 56  GLY n 
1 57  GLU n 
1 58  ALA n 
1 59  LEU n 
1 60  THR n 
1 61  GLU n 
1 62  THR n 
1 63  VAL n 
1 64  GLY n 
1 65  PRO n 
1 66  GLY n 
1 67  LYS n 
1 68  ALA n 
1 69  VAL n 
1 70  PRO n 
1 71  ARG n 
1 72  GLU n 
1 73  GLU n 
1 74  LEU n 
1 75  PHE n 
1 76  VAL n 
1 77  THR n 
1 78  SER n 
1 79  LYS n 
1 80  LEU n 
1 81  TRP n 
1 82  ASN n 
1 83  THR n 
1 84  LYS n 
1 85  HIS n 
1 86  HIS n 
1 87  PRO n 
1 88  GLU n 
1 89  ASP n 
1 90  VAL n 
1 91  GLU n 
1 92  PRO n 
1 93  ALA n 
1 94  LEU n 
1 95  ARG n 
1 96  LYS n 
1 97  THR n 
1 98  LEU n 
1 99  ALA n 
1 100 ASP n 
1 101 LEU n 
1 102 GLN n 
1 103 LEU n 
1 104 GLU n 
1 105 TYR n 
1 106 LEU n 
1 107 ASP n 
1 108 LEU n 
1 109 TYR n 
1 110 LEU n 
1 111 MET n 
1 112 HIS n 
1 113 TRP n 
1 114 PRO n 
1 115 TYR n 
1 116 ALA n 
1 117 PHE n 
1 118 GLU n 
1 119 ARG n 
1 120 GLY n 
1 121 ASP n 
1 122 ASN n 
1 123 PRO n 
1 124 PHE n 
1 125 PRO n 
1 126 LYS n 
1 127 ASN n 
1 128 ALA n 
1 129 ASP n 
1 130 GLY n 
1 131 THR n 
1 132 ILE n 
1 133 ARG n 
1 134 TYR n 
1 135 ASP n 
1 136 ALA n 
1 137 THR n 
1 138 HIS n 
1 139 TYR n 
1 140 LYS n 
1 141 ASP n 
1 142 THR n 
1 143 TRP n 
1 144 LYS n 
1 145 ALA n 
1 146 LEU n 
1 147 GLU n 
1 148 ALA n 
1 149 LEU n 
1 150 VAL n 
1 151 ALA n 
1 152 LYS n 
1 153 GLY n 
1 154 LEU n 
1 155 VAL n 
1 156 ARG n 
1 157 ALA n 
1 158 LEU n 
1 159 GLY n 
1 160 LEU n 
1 161 SER n 
1 162 ASN n 
1 163 PHE n 
1 164 SER n 
1 165 SER n 
1 166 ARG n 
1 167 GLN n 
1 168 ILE n 
1 169 ASP n 
1 170 ASP n 
1 171 VAL n 
1 172 LEU n 
1 173 SER n 
1 174 VAL n 
1 175 ALA n 
1 176 SER n 
1 177 VAL n 
1 178 ARG n 
1 179 PRO n 
1 180 ALA n 
1 181 VAL n 
1 182 LEU n 
1 183 GLN n 
1 184 VAL n 
1 185 GLU n 
1 186 CYS n 
1 187 HIS n 
1 188 PRO n 
1 189 TYR n 
1 190 LEU n 
1 191 ALA n 
1 192 GLN n 
1 193 ASN n 
1 194 GLU n 
1 195 LEU n 
1 196 ILE n 
1 197 ALA n 
1 198 HIS n 
1 199 CYS n 
1 200 GLN n 
1 201 ALA n 
1 202 ARG n 
1 203 GLY n 
1 204 LEU n 
1 205 GLU n 
1 206 VAL n 
1 207 THR n 
1 208 ALA n 
1 209 TYR n 
1 210 SER n 
1 211 PRO n 
1 212 LEU n 
1 213 GLY n 
1 214 SER n 
1 215 SER n 
1 216 ASP n 
1 217 ARG n 
1 218 ALA n 
1 219 TRP n 
1 220 ARG n 
1 221 ASP n 
1 222 PRO n 
1 223 ASN n 
1 224 GLU n 
1 225 PRO n 
1 226 VAL n 
1 227 LEU n 
1 228 LEU n 
1 229 GLU n 
1 230 GLU n 
1 231 PRO n 
1 232 VAL n 
1 233 VAL n 
1 234 GLN n 
1 235 ALA n 
1 236 LEU n 
1 237 ALA n 
1 238 GLU n 
1 239 LYS n 
1 240 TYR n 
1 241 ASN n 
1 242 ARG n 
1 243 SER n 
1 244 PRO n 
1 245 ALA n 
1 246 GLN n 
1 247 ILE n 
1 248 LEU n 
1 249 LEU n 
1 250 ARG n 
1 251 TRP n 
1 252 GLN n 
1 253 VAL n 
1 254 GLN n 
1 255 ARG n 
1 256 LYS n 
1 257 VAL n 
1 258 ILE n 
1 259 CYS n 
1 260 ILE n 
1 261 PRO n 
1 262 LYS n 
1 263 SER n 
1 264 VAL n 
1 265 THR n 
1 266 PRO n 
1 267 SER n 
1 268 ARG n 
1 269 ILE n 
1 270 PRO n 
1 271 GLN n 
1 272 ASN n 
1 273 ILE n 
1 274 GLN n 
1 275 VAL n 
1 276 PHE n 
1 277 ASP n 
1 278 PHE n 
1 279 THR n 
1 280 PHE n 
1 281 SER n 
1 282 PRO n 
1 283 GLU n 
1 284 GLU n 
1 285 MET n 
1 286 LYS n 
1 287 GLN n 
1 288 LEU n 
1 289 ASP n 
1 290 ALA n 
1 291 LEU n 
1 292 ASN n 
1 293 LYS n 
1 294 ASN n 
1 295 LEU n 
1 296 ARG n 
1 297 PHE n 
1 298 ILE n 
1 299 VAL n 
1 300 PRO n 
1 301 MET n 
1 302 LEU n 
1 303 THR n 
1 304 VAL n 
1 305 ASP n 
1 306 GLY n 
1 307 LYS n 
1 308 ARG n 
1 309 VAL n 
1 310 PRO n 
1 311 ARG n 
1 312 ASP n 
1 313 ALA n 
1 314 GLY n 
1 315 HIS n 
1 316 PRO n 
1 317 LEU n 
1 318 TYR n 
1 319 PRO n 
1 320 PHE n 
1 321 ASN n 
1 322 ASP n 
1 323 PRO n 
1 324 TYR n 
# 
_entity_src_nat.entity_id                  1 
_entity_src_nat.pdbx_src_id                1 
_entity_src_nat.pdbx_alt_source_flag       sample 
_entity_src_nat.pdbx_beg_seq_num           ? 
_entity_src_nat.pdbx_end_seq_num           ? 
_entity_src_nat.common_name                pig 
_entity_src_nat.pdbx_organism_scientific   'Sus scrofa' 
_entity_src_nat.pdbx_ncbi_taxonomy_id      9823 
_entity_src_nat.genus                      Sus 
_entity_src_nat.species                    ? 
_entity_src_nat.strain                     ? 
_entity_src_nat.tissue                     'MEDULLA, CORTEX' 
_entity_src_nat.tissue_fraction            ? 
_entity_src_nat.pdbx_secretion             ? 
_entity_src_nat.pdbx_fragment              ? 
_entity_src_nat.pdbx_variant               ? 
_entity_src_nat.pdbx_cell_line             ? 
_entity_src_nat.pdbx_atcc                  ? 
_entity_src_nat.pdbx_cellular_location     ? 
_entity_src_nat.pdbx_organ                 KIDNEY 
_entity_src_nat.pdbx_organelle             ? 
_entity_src_nat.pdbx_cell                  ? 
_entity_src_nat.pdbx_plasmid_name          ? 
_entity_src_nat.pdbx_plasmid_details       ? 
_entity_src_nat.details                    ? 
# 
loop_
_chem_comp.id 
_chem_comp.type 
_chem_comp.mon_nstd_flag 
_chem_comp.name 
_chem_comp.pdbx_synonyms 
_chem_comp.formula 
_chem_comp.formula_weight 
ALA 'L-peptide linking' y ALANINE                                            ?                                            
'C3 H7 N O2'        89.093  
ARG 'L-peptide linking' y ARGININE                                           ?                                            
'C6 H15 N4 O2 1'    175.209 
ASN 'L-peptide linking' y ASPARAGINE                                         ?                                            
'C4 H8 N2 O3'       132.118 
ASP 'L-peptide linking' y 'ASPARTIC ACID'                                    ?                                            
'C4 H7 N O4'        133.103 
CYS 'L-peptide linking' y CYSTEINE                                           ?                                            
'C3 H7 N O2 S'      121.158 
GLN 'L-peptide linking' y GLUTAMINE                                          ?                                            
'C5 H10 N2 O3'      146.144 
GLU 'L-peptide linking' y 'GLUTAMIC ACID'                                    ?                                            
'C5 H9 N O4'        147.129 
GLY 'peptide linking'   y GLYCINE                                            ?                                            
'C2 H5 N O2'        75.067  
HIS 'L-peptide linking' y HISTIDINE                                          ?                                            
'C6 H10 N3 O2 1'    156.162 
ILE 'L-peptide linking' y ISOLEUCINE                                         ?                                            
'C6 H13 N O2'       131.173 
LEU 'L-peptide linking' y LEUCINE                                            ?                                            
'C6 H13 N O2'       131.173 
LYS 'L-peptide linking' y LYSINE                                             ?                                            
'C6 H15 N2 O2 1'    147.195 
MET 'L-peptide linking' y METHIONINE                                         ?                                            
'C5 H11 N O2 S'     149.211 
NAP non-polymer         . 'NADP NICOTINAMIDE-ADENINE-DINUCLEOTIDE PHOSPHATE' 
;2'-MONOPHOSPHOADENOSINE 5'-DIPHOSPHORIBOSE
;
'C21 H28 N7 O17 P3' 743.405 
PHE 'L-peptide linking' y PHENYLALANINE                                      ?                                            
'C9 H11 N O2'       165.189 
PRO 'L-peptide linking' y PROLINE                                            ?                                            
'C5 H9 N O2'        115.130 
SER 'L-peptide linking' y SERINE                                             ?                                            
'C3 H7 N O3'        105.093 
THR 'L-peptide linking' y THREONINE                                          ?                                            
'C4 H9 N O3'        119.119 
TRP 'L-peptide linking' y TRYPTOPHAN                                         ?                                            
'C11 H12 N2 O2'     204.225 
TYR 'L-peptide linking' y TYROSINE                                           ?                                            
'C9 H11 N O3'       181.189 
VAL 'L-peptide linking' y VALINE                                             ?                                            
'C5 H11 N O2'       117.146 
# 
loop_
_pdbx_poly_seq_scheme.asym_id 
_pdbx_poly_seq_scheme.entity_id 
_pdbx_poly_seq_scheme.seq_id 
_pdbx_poly_seq_scheme.mon_id 
_pdbx_poly_seq_scheme.ndb_seq_num 
_pdbx_poly_seq_scheme.pdb_seq_num 
_pdbx_poly_seq_scheme.auth_seq_num 
_pdbx_poly_seq_scheme.pdb_mon_id 
_pdbx_poly_seq_scheme.auth_mon_id 
_pdbx_poly_seq_scheme.pdb_strand_id 
_pdbx_poly_seq_scheme.pdb_ins_code 
_pdbx_poly_seq_scheme.hetero 
A 1 1   ALA 1   2   2   ALA ALA A . n 
A 1 2   ALA 2   3   3   ALA ALA A . n 
A 1 3   SER 3   4   4   SER SER A . n 
A 1 4   CYS 4   5   5   CYS CYS A . n 
A 1 5   VAL 5   6   6   VAL VAL A . n 
A 1 6   LEU 6   7   7   LEU LEU A . n 
A 1 7   LEU 7   8   8   LEU LEU A . n 
A 1 8   HIS 8   9   9   HIS HIS A . n 
A 1 9   THR 9   10  10  THR THR A . n 
A 1 10  GLY 10  11  11  GLY GLY A . n 
A 1 11  GLN 11  12  12  GLN GLN A . n 
A 1 12  LYS 12  13  13  LYS LYS A . n 
A 1 13  MET 13  14  14  MET MET A . n 
A 1 14  PRO 14  15  15  PRO PRO A . n 
A 1 15  LEU 15  16  16  LEU LEU A . n 
A 1 16  ILE 16  17  17  ILE ILE A . n 
A 1 17  GLY 17  18  18  GLY GLY A . n 
A 1 18  LEU 18  19  19  LEU LEU A . n 
A 1 19  GLY 19  20  20  GLY GLY A . n 
A 1 20  THR 20  21  21  THR THR A . n 
A 1 21  TRP 21  22  22  TRP TRP A . n 
A 1 22  LYS 22  23  23  LYS LYS A . n 
A 1 23  SER 23  24  24  SER SER A . n 
A 1 24  GLU 24  25  25  GLU GLU A . n 
A 1 25  PRO 25  26  26  PRO PRO A . n 
A 1 26  GLY 26  27  27  GLY GLY A . n 
A 1 27  GLN 27  28  28  GLN GLN A . n 
A 1 28  VAL 28  29  29  VAL VAL A . n 
A 1 29  LYS 29  30  30  LYS LYS A . n 
A 1 30  ALA 30  31  31  ALA ALA A . n 
A 1 31  ALA 31  32  32  ALA ALA A . n 
A 1 32  ILE 32  33  33  ILE ILE A . n 
A 1 33  LYS 33  34  34  LYS LYS A . n 
A 1 34  TYR 34  35  35  TYR TYR A . n 
A 1 35  ALA 35  36  36  ALA ALA A . n 
A 1 36  LEU 36  37  37  LEU LEU A . n 
A 1 37  THR 37  38  38  THR THR A . n 
A 1 38  VAL 38  39  39  VAL VAL A . n 
A 1 39  GLY 39  40  40  GLY GLY A . n 
A 1 40  TYR 40  41  41  TYR TYR A . n 
A 1 41  ARG 41  42  42  ARG ARG A . n 
A 1 42  HIS 42  43  43  HIS HIS A . n 
A 1 43  ILE 43  44  44  ILE ILE A . n 
A 1 44  ASP 44  45  45  ASP ASP A . n 
A 1 45  CYS 45  46  46  CYS CYS A . n 
A 1 46  ALA 46  47  47  ALA ALA A . n 
A 1 47  ALA 47  48  48  ALA ALA A . n 
A 1 48  ILE 48  49  49  ILE ILE A . n 
A 1 49  TYR 49  50  50  TYR TYR A . n 
A 1 50  GLY 50  51  51  GLY GLY A . n 
A 1 51  ASN 51  52  52  ASN ASN A . n 
A 1 52  GLU 52  53  53  GLU GLU A . n 
A 1 53  LEU 53  54  54  LEU LEU A . n 
A 1 54  GLU 54  55  55  GLU GLU A . n 
A 1 55  ILE 55  56  56  ILE ILE A . n 
A 1 56  GLY 56  57  57  GLY GLY A . n 
A 1 57  GLU 57  58  58  GLU GLU A . n 
A 1 58  ALA 58  59  59  ALA ALA A . n 
A 1 59  LEU 59  60  60  LEU LEU A . n 
A 1 60  THR 60  61  61  THR THR A . n 
A 1 61  GLU 61  62  62  GLU GLU A . n 
A 1 62  THR 62  63  63  THR THR A . n 
A 1 63  VAL 63  64  64  VAL VAL A . n 
A 1 64  GLY 64  65  65  GLY GLY A . n 
A 1 65  PRO 65  66  66  PRO PRO A . n 
A 1 66  GLY 66  67  67  GLY GLY A . n 
A 1 67  LYS 67  68  68  LYS LYS A . n 
A 1 68  ALA 68  69  69  ALA ALA A . n 
A 1 69  VAL 69  70  70  VAL VAL A . n 
A 1 70  PRO 70  71  71  PRO PRO A . n 
A 1 71  ARG 71  72  72  ARG ARG A . n 
A 1 72  GLU 72  73  73  GLU GLU A . n 
A 1 73  GLU 73  74  74  GLU GLU A . n 
A 1 74  LEU 74  75  75  LEU LEU A . n 
A 1 75  PHE 75  76  76  PHE PHE A . n 
A 1 76  VAL 76  77  77  VAL VAL A . n 
A 1 77  THR 77  78  78  THR THR A . n 
A 1 78  SER 78  79  79  SER SER A . n 
A 1 79  LYS 79  80  80  LYS LYS A . n 
A 1 80  LEU 80  81  81  LEU LEU A . n 
A 1 81  TRP 81  82  82  TRP TRP A . n 
A 1 82  ASN 82  83  83  ASN ASN A . n 
A 1 83  THR 83  84  84  THR THR A . n 
A 1 84  LYS 84  85  85  LYS LYS A . n 
A 1 85  HIS 85  86  86  HIS HIS A . n 
A 1 86  HIS 86  87  87  HIS HIS A . n 
A 1 87  PRO 87  88  88  PRO PRO A . n 
A 1 88  GLU 88  89  89  GLU GLU A . n 
A 1 89  ASP 89  90  90  ASP ASP A . n 
A 1 90  VAL 90  91  91  VAL VAL A . n 
A 1 91  GLU 91  92  92  GLU GLU A . n 
A 1 92  PRO 92  93  93  PRO PRO A . n 
A 1 93  ALA 93  94  94  ALA ALA A . n 
A 1 94  LEU 94  95  95  LEU LEU A . n 
A 1 95  ARG 95  96  96  ARG ARG A . n 
A 1 96  LYS 96  97  97  LYS LYS A . n 
A 1 97  THR 97  98  98  THR THR A . n 
A 1 98  LEU 98  99  99  LEU LEU A . n 
A 1 99  ALA 99  100 100 ALA ALA A . n 
A 1 100 ASP 100 101 101 ASP ASP A . n 
A 1 101 LEU 101 102 102 LEU LEU A . n 
A 1 102 GLN 102 103 103 GLN GLN A . n 
A 1 103 LEU 103 104 104 LEU LEU A . n 
A 1 104 GLU 104 105 105 GLU GLU A . n 
A 1 105 TYR 105 106 106 TYR TYR A . n 
A 1 106 LEU 106 107 107 LEU LEU A . n 
A 1 107 ASP 107 108 108 ASP ASP A . n 
A 1 108 LEU 108 109 109 LEU LEU A . n 
A 1 109 TYR 109 110 110 TYR TYR A . n 
A 1 110 LEU 110 111 111 LEU LEU A . n 
A 1 111 MET 111 112 112 MET MET A . n 
A 1 112 HIS 112 113 113 HIS HIS A . n 
A 1 113 TRP 113 114 114 TRP TRP A . n 
A 1 114 PRO 114 115 115 PRO PRO A . n 
A 1 115 TYR 115 116 116 TYR TYR A . n 
A 1 116 ALA 116 117 117 ALA ALA A . n 
A 1 117 PHE 117 118 118 PHE PHE A . n 
A 1 118 GLU 118 119 119 GLU GLU A . n 
A 1 119 ARG 119 120 120 ARG ARG A . n 
A 1 120 GLY 120 121 121 GLY GLY A . n 
A 1 121 ASP 121 122 122 ASP ASP A . n 
A 1 122 ASN 122 123 123 ASN ASN A . n 
A 1 123 PRO 123 124 124 PRO PRO A . n 
A 1 124 PHE 124 125 125 PHE PHE A . n 
A 1 125 PRO 125 126 126 PRO PRO A . n 
A 1 126 LYS 126 127 127 LYS LYS A . n 
A 1 127 ASN 127 128 128 ASN ASN A . n 
A 1 128 ALA 128 129 129 ALA ALA A . n 
A 1 129 ASP 129 130 130 ASP ASP A . n 
A 1 130 GLY 130 131 131 GLY GLY A . n 
A 1 131 THR 131 132 132 THR THR A . n 
A 1 132 ILE 132 133 133 ILE ILE A . n 
A 1 133 ARG 133 134 134 ARG ARG A . n 
A 1 134 TYR 134 135 135 TYR TYR A . n 
A 1 135 ASP 135 136 136 ASP ASP A . n 
A 1 136 ALA 136 137 137 ALA ALA A . n 
A 1 137 THR 137 138 138 THR THR A . n 
A 1 138 HIS 138 139 139 HIS HIS A . n 
A 1 139 TYR 139 140 140 TYR TYR A . n 
A 1 140 LYS 140 141 141 LYS LYS A . n 
A 1 141 ASP 141 142 142 ASP ASP A . n 
A 1 142 THR 142 143 143 THR THR A . n 
A 1 143 TRP 143 144 144 TRP TRP A . n 
A 1 144 LYS 144 145 145 LYS LYS A . n 
A 1 145 ALA 145 146 146 ALA ALA A . n 
A 1 146 LEU 146 147 147 LEU LEU A . n 
A 1 147 GLU 147 148 148 GLU GLU A . n 
A 1 148 ALA 148 149 149 ALA ALA A . n 
A 1 149 LEU 149 150 150 LEU LEU A . n 
A 1 150 VAL 150 151 151 VAL VAL A . n 
A 1 151 ALA 151 152 152 ALA ALA A . n 
A 1 152 LYS 152 153 153 LYS LYS A . n 
A 1 153 GLY 153 154 154 GLY GLY A . n 
A 1 154 LEU 154 155 155 LEU LEU A . n 
A 1 155 VAL 155 156 156 VAL VAL A . n 
A 1 156 ARG 156 157 157 ARG ARG A . n 
A 1 157 ALA 157 158 158 ALA ALA A . n 
A 1 158 LEU 158 159 159 LEU LEU A . n 
A 1 159 GLY 159 160 160 GLY GLY A . n 
A 1 160 LEU 160 161 161 LEU LEU A . n 
A 1 161 SER 161 162 162 SER SER A . n 
A 1 162 ASN 162 163 163 ASN ASN A . n 
A 1 163 PHE 163 164 164 PHE PHE A . n 
A 1 164 SER 164 165 165 SER SER A . n 
A 1 165 SER 165 166 166 SER SER A . n 
A 1 166 ARG 166 167 167 ARG ARG A . n 
A 1 167 GLN 167 168 168 GLN GLN A . n 
A 1 168 ILE 168 169 169 ILE ILE A . n 
A 1 169 ASP 169 170 170 ASP ASP A . n 
A 1 170 ASP 170 171 171 ASP ASP A . n 
A 1 171 VAL 171 172 172 VAL VAL A . n 
A 1 172 LEU 172 173 173 LEU LEU A . n 
A 1 173 SER 173 174 174 SER SER A . n 
A 1 174 VAL 174 175 175 VAL VAL A . n 
A 1 175 ALA 175 176 176 ALA ALA A . n 
A 1 176 SER 176 177 177 SER SER A . n 
A 1 177 VAL 177 178 178 VAL VAL A . n 
A 1 178 ARG 178 179 179 ARG ARG A . n 
A 1 179 PRO 179 180 180 PRO PRO A . n 
A 1 180 ALA 180 181 181 ALA ALA A . n 
A 1 181 VAL 181 182 182 VAL VAL A . n 
A 1 182 LEU 182 183 183 LEU LEU A . n 
A 1 183 GLN 183 184 184 GLN GLN A . n 
A 1 184 VAL 184 185 185 VAL VAL A . n 
A 1 185 GLU 185 186 186 GLU GLU A . n 
A 1 186 CYS 186 187 187 CYS CYS A . n 
A 1 187 HIS 187 188 188 HIS HIS A . n 
A 1 188 PRO 188 189 189 PRO PRO A . n 
A 1 189 TYR 189 190 190 TYR TYR A . n 
A 1 190 LEU 190 191 191 LEU LEU A . n 
A 1 191 ALA 191 192 192 ALA ALA A . n 
A 1 192 GLN 192 193 193 GLN GLN A . n 
A 1 193 ASN 193 194 194 ASN ASN A . n 
A 1 194 GLU 194 195 195 GLU GLU A . n 
A 1 195 LEU 195 196 196 LEU LEU A . n 
A 1 196 ILE 196 197 197 ILE ILE A . n 
A 1 197 ALA 197 198 198 ALA ALA A . n 
A 1 198 HIS 198 199 199 HIS HIS A . n 
A 1 199 CYS 199 200 200 CYS CYS A . n 
A 1 200 GLN 200 201 201 GLN GLN A . n 
A 1 201 ALA 201 202 202 ALA ALA A . n 
A 1 202 ARG 202 203 203 ARG ARG A . n 
A 1 203 GLY 203 204 204 GLY GLY A . n 
A 1 204 LEU 204 205 205 LEU LEU A . n 
A 1 205 GLU 205 206 206 GLU GLU A . n 
A 1 206 VAL 206 207 207 VAL VAL A . n 
A 1 207 THR 207 208 208 THR THR A . n 
A 1 208 ALA 208 209 209 ALA ALA A . n 
A 1 209 TYR 209 210 210 TYR TYR A . n 
A 1 210 SER 210 211 211 SER SER A . n 
A 1 211 PRO 211 212 212 PRO PRO A . n 
A 1 212 LEU 212 213 213 LEU LEU A . n 
A 1 213 GLY 213 214 214 GLY GLY A . n 
A 1 214 SER 214 215 215 SER SER A . n 
A 1 215 SER 215 216 216 SER SER A . n 
A 1 216 ASP 216 217 217 ASP ASP A . n 
A 1 217 ARG 217 218 218 ARG ARG A . n 
A 1 218 ALA 218 219 219 ALA ALA A . n 
A 1 219 TRP 219 220 220 TRP TRP A . n 
A 1 220 ARG 220 221 221 ARG ARG A . n 
A 1 221 ASP 221 222 222 ASP ASP A . n 
A 1 222 PRO 222 223 223 PRO PRO A . n 
A 1 223 ASN 223 224 224 ASN ASN A . n 
A 1 224 GLU 224 225 225 GLU GLU A . n 
A 1 225 PRO 225 226 226 PRO PRO A . n 
A 1 226 VAL 226 227 227 VAL VAL A . n 
A 1 227 LEU 227 228 228 LEU LEU A . n 
A 1 228 LEU 228 229 229 LEU LEU A . n 
A 1 229 GLU 229 230 230 GLU GLU A . n 
A 1 230 GLU 230 231 231 GLU GLU A . n 
A 1 231 PRO 231 232 232 PRO PRO A . n 
A 1 232 VAL 232 233 233 VAL VAL A . n 
A 1 233 VAL 233 234 234 VAL VAL A . n 
A 1 234 GLN 234 235 235 GLN GLN A . n 
A 1 235 ALA 235 236 236 ALA ALA A . n 
A 1 236 LEU 236 237 237 LEU LEU A . n 
A 1 237 ALA 237 238 238 ALA ALA A . n 
A 1 238 GLU 238 239 239 GLU GLU A . n 
A 1 239 LYS 239 240 240 LYS LYS A . n 
A 1 240 TYR 240 241 241 TYR TYR A . n 
A 1 241 ASN 241 242 242 ASN ASN A . n 
A 1 242 ARG 242 243 243 ARG ARG A . n 
A 1 243 SER 243 244 244 SER SER A . n 
A 1 244 PRO 244 245 245 PRO PRO A . n 
A 1 245 ALA 245 246 246 ALA ALA A . n 
A 1 246 GLN 246 247 247 GLN GLN A . n 
A 1 247 ILE 247 248 248 ILE ILE A . n 
A 1 248 LEU 248 249 249 LEU LEU A . n 
A 1 249 LEU 249 250 250 LEU LEU A . n 
A 1 250 ARG 250 251 251 ARG ARG A . n 
A 1 251 TRP 251 252 252 TRP TRP A . n 
A 1 252 GLN 252 253 253 GLN GLN A . n 
A 1 253 VAL 253 254 254 VAL VAL A . n 
A 1 254 GLN 254 255 255 GLN GLN A . n 
A 1 255 ARG 255 256 256 ARG ARG A . n 
A 1 256 LYS 256 257 257 LYS LYS A . n 
A 1 257 VAL 257 258 258 VAL VAL A . n 
A 1 258 ILE 258 259 259 ILE ILE A . n 
A 1 259 CYS 259 260 260 CYS CYS A . n 
A 1 260 ILE 260 261 261 ILE ILE A . n 
A 1 261 PRO 261 262 262 PRO PRO A . n 
A 1 262 LYS 262 263 263 LYS LYS A . n 
A 1 263 SER 263 264 264 SER SER A . n 
A 1 264 VAL 264 265 265 VAL VAL A . n 
A 1 265 THR 265 266 266 THR THR A . n 
A 1 266 PRO 266 267 267 PRO PRO A . n 
A 1 267 SER 267 268 268 SER SER A . n 
A 1 268 ARG 268 269 269 ARG ARG A . n 
A 1 269 ILE 269 270 270 ILE ILE A . n 
A 1 270 PRO 270 271 271 PRO PRO A . n 
A 1 271 GLN 271 272 272 GLN GLN A . n 
A 1 272 ASN 272 273 273 ASN ASN A . n 
A 1 273 ILE 273 274 274 ILE ILE A . n 
A 1 274 GLN 274 275 275 GLN GLN A . n 
A 1 275 VAL 275 276 276 VAL VAL A . n 
A 1 276 PHE 276 277 277 PHE PHE A . n 
A 1 277 ASP 277 278 278 ASP ASP A . n 
A 1 278 PHE 278 279 279 PHE PHE A . n 
A 1 279 THR 279 280 280 THR THR A . n 
A 1 280 PHE 280 281 281 PHE PHE A . n 
A 1 281 SER 281 282 282 SER SER A . n 
A 1 282 PRO 282 283 283 PRO PRO A . n 
A 1 283 GLU 283 284 284 GLU GLU A . n 
A 1 284 GLU 284 285 285 GLU GLU A . n 
A 1 285 MET 285 286 286 MET MET A . n 
A 1 286 LYS 286 287 287 LYS LYS A . n 
A 1 287 GLN 287 288 288 GLN GLN A . n 
A 1 288 LEU 288 289 289 LEU LEU A . n 
A 1 289 ASP 289 290 290 ASP ASP A . n 
A 1 290 ALA 290 291 291 ALA ALA A . n 
A 1 291 LEU 291 292 292 LEU LEU A . n 
A 1 292 ASN 292 293 293 ASN ASN A . n 
A 1 293 LYS 293 294 294 LYS LYS A . n 
A 1 294 ASN 294 295 295 ASN ASN A . n 
A 1 295 LEU 295 296 296 LEU LEU A . n 
A 1 296 ARG 296 297 297 ARG ARG A . n 
A 1 297 PHE 297 298 298 PHE PHE A . n 
A 1 298 ILE 298 299 299 ILE ILE A . n 
A 1 299 VAL 299 300 300 VAL VAL A . n 
A 1 300 PRO 300 301 301 PRO PRO A . n 
A 1 301 MET 301 302 302 MET MET A . n 
A 1 302 LEU 302 303 303 LEU LEU A . n 
A 1 303 THR 303 304 304 THR THR A . n 
A 1 304 VAL 304 305 305 VAL VAL A . n 
A 1 305 ASP 305 306 306 ASP ASP A . n 
A 1 306 GLY 306 307 307 GLY GLY A . n 
A 1 307 LYS 307 308 308 LYS LYS A . n 
A 1 308 ARG 308 309 309 ARG ARG A . n 
A 1 309 VAL 309 310 310 VAL VAL A . n 
A 1 310 PRO 310 311 311 PRO PRO A . n 
A 1 311 ARG 311 312 312 ARG ARG A . n 
A 1 312 ASP 312 313 313 ASP ASP A . n 
A 1 313 ALA 313 314 314 ALA ALA A . n 
A 1 314 GLY 314 315 315 GLY GLY A . n 
A 1 315 HIS 315 316 316 HIS HIS A . n 
A 1 316 PRO 316 317 317 PRO PRO A . n 
A 1 317 LEU 317 318 318 LEU LEU A . n 
A 1 318 TYR 318 319 319 TYR TYR A . n 
A 1 319 PRO 319 320 320 PRO PRO A . n 
A 1 320 PHE 320 321 321 PHE PHE A . n 
A 1 321 ASN 321 322 322 ASN ASN A . n 
A 1 322 ASP 322 323 323 ASP ASP A . n 
A 1 323 PRO 323 324 324 PRO PRO A . n 
A 1 324 TYR 324 325 325 TYR TYR A . n 
# 
_pdbx_nonpoly_scheme.asym_id         B 
_pdbx_nonpoly_scheme.entity_id       2 
_pdbx_nonpoly_scheme.mon_id          NAP 
_pdbx_nonpoly_scheme.ndb_seq_num     1 
_pdbx_nonpoly_scheme.pdb_seq_num     350 
_pdbx_nonpoly_scheme.auth_seq_num    350 
_pdbx_nonpoly_scheme.pdb_mon_id      NAP 
_pdbx_nonpoly_scheme.auth_mon_id     NAP 
_pdbx_nonpoly_scheme.pdb_strand_id   A 
_pdbx_nonpoly_scheme.pdb_ins_code    . 
# 
loop_
_software.name 
_software.classification 
_software.version 
_software.citation_id 
_software.pdbx_ordinal 
X-PLOR refinement       . ? 1 
MADNES 'data reduction' . ? 2 
# 
_cell.entry_id           1CWN 
_cell.length_a           67.200 
_cell.length_b           67.200 
_cell.length_c           243.700 
_cell.angle_alpha        90.00 
_cell.angle_beta         90.00 
_cell.angle_gamma        120.00 
_cell.Z_PDB              12 
_cell.pdbx_unique_axis   ? 
# 
_symmetry.entry_id                         1CWN 
_symmetry.space_group_name_H-M             'P 65 2 2' 
_symmetry.pdbx_full_space_group_name_H-M   ? 
_symmetry.cell_setting                     ? 
_symmetry.Int_Tables_number                179 
# 
_exptl.entry_id          1CWN 
_exptl.method            'X-RAY DIFFRACTION' 
_exptl.crystals_number   ? 
# 
_exptl_crystal.id                    1 
_exptl_crystal.density_meas          ? 
_exptl_crystal.density_Matthews      2.18 
_exptl_crystal.density_percent_sol   45.0 
_exptl_crystal.description           ? 
# 
_diffrn.id                     1 
_diffrn.ambient_temp           108 
_diffrn.ambient_temp_details   ? 
_diffrn.crystal_id             1 
# 
_diffrn_detector.diffrn_id              1 
_diffrn_detector.detector               CCD 
_diffrn_detector.type                   ? 
_diffrn_detector.pdbx_collection_date   1995-06-15 
_diffrn_detector.details                ? 
# 
_diffrn_radiation.diffrn_id                        1 
_diffrn_radiation.wavelength_id                    1 
_diffrn_radiation.pdbx_monochromatic_or_laue_m_l   M 
_diffrn_radiation.monochromator                    ? 
_diffrn_radiation.pdbx_diffrn_protocol             ? 
_diffrn_radiation.pdbx_scattering_type             x-ray 
# 
_diffrn_radiation_wavelength.id           1 
_diffrn_radiation_wavelength.wavelength   1.00615 
_diffrn_radiation_wavelength.wt           1.0 
# 
_diffrn_source.diffrn_id                   1 
_diffrn_source.source                      SYNCHROTRON 
_diffrn_source.type                        'NSLS BEAMLINE X8C' 
_diffrn_source.pdbx_synchrotron_site       NSLS 
_diffrn_source.pdbx_synchrotron_beamline   X8C 
_diffrn_source.pdbx_wavelength             1.00615 
_diffrn_source.pdbx_wavelength_list        ? 
# 
_reflns.entry_id                     1CWN 
_reflns.observed_criterion_sigma_I   0.0 
_reflns.observed_criterion_sigma_F   ? 
_reflns.d_resolution_low             ? 
_reflns.d_resolution_high            ? 
_reflns.number_obs                   21648 
_reflns.number_all                   ? 
_reflns.percent_possible_obs         92. 
_reflns.pdbx_Rmerge_I_obs            0.0300000 
_reflns.pdbx_Rsym_value              ? 
_reflns.pdbx_netI_over_sigmaI        ? 
_reflns.B_iso_Wilson_estimate        ? 
_reflns.pdbx_redundancy              1.90 
_reflns.pdbx_ordinal                 1 
_reflns.pdbx_diffrn_id               1 
# 
_refine.entry_id                                 1CWN 
_refine.ls_number_reflns_obs                     20127 
_refine.ls_number_reflns_all                     ? 
_refine.pdbx_ls_sigma_I                          ? 
_refine.pdbx_ls_sigma_F                          4. 
_refine.pdbx_data_cutoff_high_absF               ? 
_refine.pdbx_data_cutoff_low_absF                ? 
_refine.pdbx_data_cutoff_high_rms_absF           ? 
_refine.ls_d_res_low                             6. 
_refine.ls_d_res_high                            2.0 
_refine.ls_percent_reflns_obs                    ? 
_refine.ls_R_factor_obs                          0.2000000 
_refine.ls_R_factor_all                          ? 
_refine.ls_R_factor_R_work                       0.2000000 
_refine.ls_R_factor_R_free                       ? 
_refine.ls_R_factor_R_free_error                 ? 
_refine.ls_R_factor_R_free_error_details         ? 
_refine.ls_percent_reflns_R_free                 ? 
_refine.ls_number_reflns_R_free                  ? 
_refine.ls_number_parameters                     ? 
_refine.ls_number_restraints                     ? 
_refine.occupancy_min                            ? 
_refine.occupancy_max                            ? 
_refine.B_iso_mean                               16.2 
_refine.aniso_B[1][1]                            ? 
_refine.aniso_B[2][2]                            ? 
_refine.aniso_B[3][3]                            ? 
_refine.aniso_B[1][2]                            ? 
_refine.aniso_B[1][3]                            ? 
_refine.aniso_B[2][3]                            ? 
_refine.solvent_model_details                    ? 
_refine.solvent_model_param_ksol                 ? 
_refine.solvent_model_param_bsol                 ? 
_refine.pdbx_ls_cross_valid_method               ? 
_refine.details                                  ? 
_refine.pdbx_starting_model                      ? 
_refine.pdbx_method_to_determine_struct          ? 
_refine.pdbx_isotropic_thermal_model             ? 
_refine.pdbx_stereochemistry_target_values       ? 
_refine.pdbx_stereochem_target_val_spec_case     ? 
_refine.pdbx_R_Free_selection_details            ? 
_refine.pdbx_overall_ESU_R                       ? 
_refine.pdbx_overall_ESU_R_Free                  ? 
_refine.overall_SU_ML                            ? 
_refine.overall_SU_B                             ? 
_refine.pdbx_refine_id                           'X-RAY DIFFRACTION' 
_refine.pdbx_diffrn_id                           1 
_refine.pdbx_TLS_residual_ADP_flag               ? 
_refine.correlation_coeff_Fo_to_Fc               ? 
_refine.correlation_coeff_Fo_to_Fc_free          ? 
_refine.pdbx_solvent_vdw_probe_radii             ? 
_refine.pdbx_solvent_ion_probe_radii             ? 
_refine.pdbx_solvent_shrinkage_radii             ? 
_refine.pdbx_overall_phase_error                 ? 
_refine.overall_SU_R_Cruickshank_DPI             ? 
_refine.pdbx_overall_SU_R_free_Cruickshank_DPI   ? 
_refine.pdbx_overall_SU_R_Blow_DPI               ? 
_refine.pdbx_overall_SU_R_free_Blow_DPI          ? 
# 
_refine_analyze.entry_id                        1CWN 
_refine_analyze.Luzzati_coordinate_error_obs    0.22 
_refine_analyze.Luzzati_sigma_a_obs             ? 
_refine_analyze.Luzzati_d_res_low_obs           ? 
_refine_analyze.Luzzati_coordinate_error_free   ? 
_refine_analyze.Luzzati_sigma_a_free            ? 
_refine_analyze.Luzzati_d_res_low_free          ? 
_refine_analyze.number_disordered_residues      ? 
_refine_analyze.occupancy_sum_hydrogen          ? 
_refine_analyze.occupancy_sum_non_hydrogen      ? 
_refine_analyze.pdbx_refine_id                  'X-RAY DIFFRACTION' 
# 
_refine_hist.pdbx_refine_id                   'X-RAY DIFFRACTION' 
_refine_hist.cycle_id                         LAST 
_refine_hist.pdbx_number_atoms_protein        324 
_refine_hist.pdbx_number_atoms_nucleic_acid   0 
_refine_hist.pdbx_number_atoms_ligand         48 
_refine_hist.number_atoms_solvent             0 
_refine_hist.number_atoms_total               372 
_refine_hist.d_res_high                       2.0 
_refine_hist.d_res_low                        6. 
# 
loop_
_refine_ls_restr.type 
_refine_ls_restr.dev_ideal 
_refine_ls_restr.dev_ideal_target 
_refine_ls_restr.weight 
_refine_ls_restr.number 
_refine_ls_restr.pdbx_refine_id 
_refine_ls_restr.pdbx_restraint_function 
x_bond_d                0.009 ?   ? ? 'X-RAY DIFFRACTION' ? 
x_bond_d_na             ?     ?   ? ? 'X-RAY DIFFRACTION' ? 
x_bond_d_prot           ?     ?   ? ? 'X-RAY DIFFRACTION' ? 
x_angle_d               ?     ?   ? ? 'X-RAY DIFFRACTION' ? 
x_angle_d_na            ?     ?   ? ? 'X-RAY DIFFRACTION' ? 
x_angle_d_prot          ?     ?   ? ? 'X-RAY DIFFRACTION' ? 
x_angle_deg             2.3   ?   ? ? 'X-RAY DIFFRACTION' ? 
x_angle_deg_na          ?     ?   ? ? 'X-RAY DIFFRACTION' ? 
x_angle_deg_prot        ?     ?   ? ? 'X-RAY DIFFRACTION' ? 
x_dihedral_angle_d      ?     ?   ? ? 'X-RAY DIFFRACTION' ? 
x_dihedral_angle_d_na   ?     ?   ? ? 'X-RAY DIFFRACTION' ? 
x_dihedral_angle_d_prot ?     ?   ? ? 'X-RAY DIFFRACTION' ? 
x_improper_angle_d      ?     ?   ? ? 'X-RAY DIFFRACTION' ? 
x_improper_angle_d_na   ?     ?   ? ? 'X-RAY DIFFRACTION' ? 
x_improper_angle_d_prot ?     ?   ? ? 'X-RAY DIFFRACTION' ? 
x_mcbond_it             ?     1.5 ? ? 'X-RAY DIFFRACTION' ? 
x_mcangle_it            ?     2.0 ? ? 'X-RAY DIFFRACTION' ? 
x_scbond_it             ?     2.0 ? ? 'X-RAY DIFFRACTION' ? 
x_scangle_it            ?     2.5 ? ? 'X-RAY DIFFRACTION' ? 
# 
_struct.entry_id                  1CWN 
_struct.title                     'CRYSTAL STRUCTURE OF PORCINE ALDEHYDE REDUCTASE HOLOENZYME' 
_struct.pdbx_model_details        ? 
_struct.pdbx_CASP_flag            ? 
_struct.pdbx_model_type_details   ? 
# 
_struct_keywords.entry_id        1CWN 
_struct_keywords.pdbx_keywords   OXIDOREDUCTASE 
_struct_keywords.text            'TIM-BARREL, OXIDOREDUCTASE, NADP' 
# 
loop_
_struct_asym.id 
_struct_asym.pdbx_blank_PDB_chainid_flag 
_struct_asym.pdbx_modified 
_struct_asym.entity_id 
_struct_asym.details 
A N N 1 ? 
B N N 2 ? 
# 
_struct_ref.id                         1 
_struct_ref.db_name                    UNP 
_struct_ref.db_code                    AK1A1_PIG 
_struct_ref.entity_id                  1 
_struct_ref.pdbx_db_accession          P50578 
_struct_ref.pdbx_align_begin           1 
_struct_ref.pdbx_seq_one_letter_code   
;AASCVLLHTGQKMPLIGLGTWKSEPGQVKAAIKYALTVGYRHIDCAAIYGNELEIGEALTETVGPGKAVPREELFVTSKL
WNTKHHPEDVEPALRKTLADLQLEYLDLYLMHWPYAFERGDNPFPKNADGTIRYDATHYKDTWKALEALVAKGLVRALGL
SNFSSRQIDDVLSVASVRPAVLQVECHPYLAQNELIAHCQARGLEVTAYSPLGSSDRAWRDPNEPVLLEEPVVQALAEKY
NRSPAQILLRWQVQRKVICIPKSVTPSRIPQNIQVFDFTFSPEEMKQLDALNKNLRFIVPMLTVDGKRVPRDAGHPLYPF
NDPY
;
_struct_ref.pdbx_db_isoform            ? 
# 
_struct_ref_seq.align_id                      1 
_struct_ref_seq.ref_id                        1 
_struct_ref_seq.pdbx_PDB_id_code              1CWN 
_struct_ref_seq.pdbx_strand_id                A 
_struct_ref_seq.seq_align_beg                 1 
_struct_ref_seq.pdbx_seq_align_beg_ins_code   ? 
_struct_ref_seq.seq_align_end                 324 
_struct_ref_seq.pdbx_seq_align_end_ins_code   ? 
_struct_ref_seq.pdbx_db_accession             P50578 
_struct_ref_seq.db_align_beg                  1 
_struct_ref_seq.pdbx_db_align_beg_ins_code    ? 
_struct_ref_seq.db_align_end                  324 
_struct_ref_seq.pdbx_db_align_end_ins_code    ? 
_struct_ref_seq.pdbx_auth_seq_align_beg       2 
_struct_ref_seq.pdbx_auth_seq_align_end       325 
# 
_pdbx_struct_assembly.id                   1 
_pdbx_struct_assembly.details              author_defined_assembly 
_pdbx_struct_assembly.method_details       ? 
_pdbx_struct_assembly.oligomeric_details   monomeric 
_pdbx_struct_assembly.oligomeric_count     1 
# 
_pdbx_struct_assembly_gen.assembly_id       1 
_pdbx_struct_assembly_gen.oper_expression   1 
_pdbx_struct_assembly_gen.asym_id_list      A,B 
# 
_pdbx_struct_oper_list.id                   1 
_pdbx_struct_oper_list.type                 'identity operation' 
_pdbx_struct_oper_list.name                 1_555 
_pdbx_struct_oper_list.symmetry_operation   x,y,z 
_pdbx_struct_oper_list.matrix[1][1]         1.0000000000 
_pdbx_struct_oper_list.matrix[1][2]         0.0000000000 
_pdbx_struct_oper_list.matrix[1][3]         0.0000000000 
_pdbx_struct_oper_list.vector[1]            0.0000000000 
_pdbx_struct_oper_list.matrix[2][1]         0.0000000000 
_pdbx_struct_oper_list.matrix[2][2]         1.0000000000 
_pdbx_struct_oper_list.matrix[2][3]         0.0000000000 
_pdbx_struct_oper_list.vector[2]            0.0000000000 
_pdbx_struct_oper_list.matrix[3][1]         0.0000000000 
_pdbx_struct_oper_list.matrix[3][2]         0.0000000000 
_pdbx_struct_oper_list.matrix[3][3]         1.0000000000 
_pdbx_struct_oper_list.vector[3]            0.0000000000 
# 
_struct_biol.id   1 
# 
_struct_site.id                   AC1 
_struct_site.pdbx_evidence_code   Software 
_struct_site.pdbx_auth_asym_id    A 
_struct_site.pdbx_auth_comp_id    NAP 
_struct_site.pdbx_auth_seq_id     350 
_struct_site.pdbx_auth_ins_code   ? 
_struct_site.pdbx_num_residues    7 
_struct_site.details              'BINDING SITE FOR RESIDUE NAP A 350' 
# 
loop_
_struct_site_gen.id 
_struct_site_gen.site_id 
_struct_site_gen.pdbx_num_res 
_struct_site_gen.label_comp_id 
_struct_site_gen.label_asym_id 
_struct_site_gen.label_seq_id 
_struct_site_gen.pdbx_auth_ins_code 
_struct_site_gen.auth_comp_id 
_struct_site_gen.auth_asym_id 
_struct_site_gen.auth_seq_id 
_struct_site_gen.label_atom_id 
_struct_site_gen.label_alt_id 
_struct_site_gen.symmetry 
_struct_site_gen.details 
1 AC1 7 GLY A 19  ? GLY A 20  . ? 1_555 ? 
2 AC1 7 TRP A 21  ? TRP A 22  . ? 1_555 ? 
3 AC1 7 SER A 210 ? SER A 211 . ? 1_555 ? 
4 AC1 7 LEU A 212 ? LEU A 213 . ? 1_555 ? 
5 AC1 7 SER A 214 ? SER A 215 . ? 1_555 ? 
6 AC1 7 PRO A 261 ? PRO A 262 . ? 1_555 ? 
7 AC1 7 SER A 263 ? SER A 264 . ? 1_555 ? 
# 
loop_
_chem_comp_atom.comp_id 
_chem_comp_atom.atom_id 
_chem_comp_atom.type_symbol 
_chem_comp_atom.pdbx_aromatic_flag 
_chem_comp_atom.pdbx_stereo_config 
_chem_comp_atom.pdbx_ordinal 
ALA N    N N N 1   
ALA CA   C N S 2   
ALA C    C N N 3   
ALA O    O N N 4   
ALA CB   C N N 5   
ALA OXT  O N N 6   
ALA H    H N N 7   
ALA H2   H N N 8   
ALA HA   H N N 9   
ALA HB1  H N N 10  
ALA HB2  H N N 11  
ALA HB3  H N N 12  
ALA HXT  H N N 13  
ARG N    N N N 14  
ARG CA   C N S 15  
ARG C    C N N 16  
ARG O    O N N 17  
ARG CB   C N N 18  
ARG CG   C N N 19  
ARG CD   C N N 20  
ARG NE   N N N 21  
ARG CZ   C N N 22  
ARG NH1  N N N 23  
ARG NH2  N N N 24  
ARG OXT  O N N 25  
ARG H    H N N 26  
ARG H2   H N N 27  
ARG HA   H N N 28  
ARG HB2  H N N 29  
ARG HB3  H N N 30  
ARG HG2  H N N 31  
ARG HG3  H N N 32  
ARG HD2  H N N 33  
ARG HD3  H N N 34  
ARG HE   H N N 35  
ARG HH11 H N N 36  
ARG HH12 H N N 37  
ARG HH21 H N N 38  
ARG HH22 H N N 39  
ARG HXT  H N N 40  
ASN N    N N N 41  
ASN CA   C N S 42  
ASN C    C N N 43  
ASN O    O N N 44  
ASN CB   C N N 45  
ASN CG   C N N 46  
ASN OD1  O N N 47  
ASN ND2  N N N 48  
ASN OXT  O N N 49  
ASN H    H N N 50  
ASN H2   H N N 51  
ASN HA   H N N 52  
ASN HB2  H N N 53  
ASN HB3  H N N 54  
ASN HD21 H N N 55  
ASN HD22 H N N 56  
ASN HXT  H N N 57  
ASP N    N N N 58  
ASP CA   C N S 59  
ASP C    C N N 60  
ASP O    O N N 61  
ASP CB   C N N 62  
ASP CG   C N N 63  
ASP OD1  O N N 64  
ASP OD2  O N N 65  
ASP OXT  O N N 66  
ASP H    H N N 67  
ASP H2   H N N 68  
ASP HA   H N N 69  
ASP HB2  H N N 70  
ASP HB3  H N N 71  
ASP HD2  H N N 72  
ASP HXT  H N N 73  
CYS N    N N N 74  
CYS CA   C N R 75  
CYS C    C N N 76  
CYS O    O N N 77  
CYS CB   C N N 78  
CYS SG   S N N 79  
CYS OXT  O N N 80  
CYS H    H N N 81  
CYS H2   H N N 82  
CYS HA   H N N 83  
CYS HB2  H N N 84  
CYS HB3  H N N 85  
CYS HG   H N N 86  
CYS HXT  H N N 87  
GLN N    N N N 88  
GLN CA   C N S 89  
GLN C    C N N 90  
GLN O    O N N 91  
GLN CB   C N N 92  
GLN CG   C N N 93  
GLN CD   C N N 94  
GLN OE1  O N N 95  
GLN NE2  N N N 96  
GLN OXT  O N N 97  
GLN H    H N N 98  
GLN H2   H N N 99  
GLN HA   H N N 100 
GLN HB2  H N N 101 
GLN HB3  H N N 102 
GLN HG2  H N N 103 
GLN HG3  H N N 104 
GLN HE21 H N N 105 
GLN HE22 H N N 106 
GLN HXT  H N N 107 
GLU N    N N N 108 
GLU CA   C N S 109 
GLU C    C N N 110 
GLU O    O N N 111 
GLU CB   C N N 112 
GLU CG   C N N 113 
GLU CD   C N N 114 
GLU OE1  O N N 115 
GLU OE2  O N N 116 
GLU OXT  O N N 117 
GLU H    H N N 118 
GLU H2   H N N 119 
GLU HA   H N N 120 
GLU HB2  H N N 121 
GLU HB3  H N N 122 
GLU HG2  H N N 123 
GLU HG3  H N N 124 
GLU HE2  H N N 125 
GLU HXT  H N N 126 
GLY N    N N N 127 
GLY CA   C N N 128 
GLY C    C N N 129 
GLY O    O N N 130 
GLY OXT  O N N 131 
GLY H    H N N 132 
GLY H2   H N N 133 
GLY HA2  H N N 134 
GLY HA3  H N N 135 
GLY HXT  H N N 136 
HIS N    N N N 137 
HIS CA   C N S 138 
HIS C    C N N 139 
HIS O    O N N 140 
HIS CB   C N N 141 
HIS CG   C Y N 142 
HIS ND1  N Y N 143 
HIS CD2  C Y N 144 
HIS CE1  C Y N 145 
HIS NE2  N Y N 146 
HIS OXT  O N N 147 
HIS H    H N N 148 
HIS H2   H N N 149 
HIS HA   H N N 150 
HIS HB2  H N N 151 
HIS HB3  H N N 152 
HIS HD1  H N N 153 
HIS HD2  H N N 154 
HIS HE1  H N N 155 
HIS HE2  H N N 156 
HIS HXT  H N N 157 
ILE N    N N N 158 
ILE CA   C N S 159 
ILE C    C N N 160 
ILE O    O N N 161 
ILE CB   C N S 162 
ILE CG1  C N N 163 
ILE CG2  C N N 164 
ILE CD1  C N N 165 
ILE OXT  O N N 166 
ILE H    H N N 167 
ILE H2   H N N 168 
ILE HA   H N N 169 
ILE HB   H N N 170 
ILE HG12 H N N 171 
ILE HG13 H N N 172 
ILE HG21 H N N 173 
ILE HG22 H N N 174 
ILE HG23 H N N 175 
ILE HD11 H N N 176 
ILE HD12 H N N 177 
ILE HD13 H N N 178 
ILE HXT  H N N 179 
LEU N    N N N 180 
LEU CA   C N S 181 
LEU C    C N N 182 
LEU O    O N N 183 
LEU CB   C N N 184 
LEU CG   C N N 185 
LEU CD1  C N N 186 
LEU CD2  C N N 187 
LEU OXT  O N N 188 
LEU H    H N N 189 
LEU H2   H N N 190 
LEU HA   H N N 191 
LEU HB2  H N N 192 
LEU HB3  H N N 193 
LEU HG   H N N 194 
LEU HD11 H N N 195 
LEU HD12 H N N 196 
LEU HD13 H N N 197 
LEU HD21 H N N 198 
LEU HD22 H N N 199 
LEU HD23 H N N 200 
LEU HXT  H N N 201 
LYS N    N N N 202 
LYS CA   C N S 203 
LYS C    C N N 204 
LYS O    O N N 205 
LYS CB   C N N 206 
LYS CG   C N N 207 
LYS CD   C N N 208 
LYS CE   C N N 209 
LYS NZ   N N N 210 
LYS OXT  O N N 211 
LYS H    H N N 212 
LYS H2   H N N 213 
LYS HA   H N N 214 
LYS HB2  H N N 215 
LYS HB3  H N N 216 
LYS HG2  H N N 217 
LYS HG3  H N N 218 
LYS HD2  H N N 219 
LYS HD3  H N N 220 
LYS HE2  H N N 221 
LYS HE3  H N N 222 
LYS HZ1  H N N 223 
LYS HZ2  H N N 224 
LYS HZ3  H N N 225 
LYS HXT  H N N 226 
MET N    N N N 227 
MET CA   C N S 228 
MET C    C N N 229 
MET O    O N N 230 
MET CB   C N N 231 
MET CG   C N N 232 
MET SD   S N N 233 
MET CE   C N N 234 
MET OXT  O N N 235 
MET H    H N N 236 
MET H2   H N N 237 
MET HA   H N N 238 
MET HB2  H N N 239 
MET HB3  H N N 240 
MET HG2  H N N 241 
MET HG3  H N N 242 
MET HE1  H N N 243 
MET HE2  H N N 244 
MET HE3  H N N 245 
MET HXT  H N N 246 
NAP PA   P N R 247 
NAP O1A  O N N 248 
NAP O2A  O N N 249 
NAP O5B  O N N 250 
NAP C5B  C N N 251 
NAP C4B  C N R 252 
NAP O4B  O N N 253 
NAP C3B  C N R 254 
NAP O3B  O N N 255 
NAP C2B  C N R 256 
NAP O2B  O N N 257 
NAP C1B  C N R 258 
NAP N9A  N Y N 259 
NAP C8A  C Y N 260 
NAP N7A  N Y N 261 
NAP C5A  C Y N 262 
NAP C6A  C Y N 263 
NAP N6A  N N N 264 
NAP N1A  N Y N 265 
NAP C2A  C Y N 266 
NAP N3A  N Y N 267 
NAP C4A  C Y N 268 
NAP O3   O N N 269 
NAP PN   P N N 270 
NAP O1N  O N N 271 
NAP O2N  O N N 272 
NAP O5D  O N N 273 
NAP C5D  C N N 274 
NAP C4D  C N R 275 
NAP O4D  O N N 276 
NAP C3D  C N S 277 
NAP O3D  O N N 278 
NAP C2D  C N R 279 
NAP O2D  O N N 280 
NAP C1D  C N R 281 
NAP N1N  N Y N 282 
NAP C2N  C Y N 283 
NAP C3N  C Y N 284 
NAP C7N  C N N 285 
NAP O7N  O N N 286 
NAP N7N  N N N 287 
NAP C4N  C Y N 288 
NAP C5N  C Y N 289 
NAP C6N  C Y N 290 
NAP P2B  P N N 291 
NAP O1X  O N N 292 
NAP O2X  O N N 293 
NAP O3X  O N N 294 
NAP HOA2 H N N 295 
NAP H51A H N N 296 
NAP H52A H N N 297 
NAP H4B  H N N 298 
NAP H3B  H N N 299 
NAP HO3A H N N 300 
NAP H2B  H N N 301 
NAP H1B  H N N 302 
NAP H8A  H N N 303 
NAP H61A H N N 304 
NAP H62A H N N 305 
NAP H2A  H N N 306 
NAP H51N H N N 307 
NAP H52N H N N 308 
NAP H4D  H N N 309 
NAP H3D  H N N 310 
NAP HO3N H N N 311 
NAP H2D  H N N 312 
NAP HO2N H N N 313 
NAP H1D  H N N 314 
NAP H2N  H N N 315 
NAP H71N H N N 316 
NAP H72N H N N 317 
NAP H4N  H N N 318 
NAP H5N  H N N 319 
NAP H6N  H N N 320 
NAP HOP2 H N N 321 
NAP HOP3 H N N 322 
PHE N    N N N 323 
PHE CA   C N S 324 
PHE C    C N N 325 
PHE O    O N N 326 
PHE CB   C N N 327 
PHE CG   C Y N 328 
PHE CD1  C Y N 329 
PHE CD2  C Y N 330 
PHE CE1  C Y N 331 
PHE CE2  C Y N 332 
PHE CZ   C Y N 333 
PHE OXT  O N N 334 
PHE H    H N N 335 
PHE H2   H N N 336 
PHE HA   H N N 337 
PHE HB2  H N N 338 
PHE HB3  H N N 339 
PHE HD1  H N N 340 
PHE HD2  H N N 341 
PHE HE1  H N N 342 
PHE HE2  H N N 343 
PHE HZ   H N N 344 
PHE HXT  H N N 345 
PRO N    N N N 346 
PRO CA   C N S 347 
PRO C    C N N 348 
PRO O    O N N 349 
PRO CB   C N N 350 
PRO CG   C N N 351 
PRO CD   C N N 352 
PRO OXT  O N N 353 
PRO H    H N N 354 
PRO HA   H N N 355 
PRO HB2  H N N 356 
PRO HB3  H N N 357 
PRO HG2  H N N 358 
PRO HG3  H N N 359 
PRO HD2  H N N 360 
PRO HD3  H N N 361 
PRO HXT  H N N 362 
SER N    N N N 363 
SER CA   C N S 364 
SER C    C N N 365 
SER O    O N N 366 
SER CB   C N N 367 
SER OG   O N N 368 
SER OXT  O N N 369 
SER H    H N N 370 
SER H2   H N N 371 
SER HA   H N N 372 
SER HB2  H N N 373 
SER HB3  H N N 374 
SER HG   H N N 375 
SER HXT  H N N 376 
THR N    N N N 377 
THR CA   C N S 378 
THR C    C N N 379 
THR O    O N N 380 
THR CB   C N R 381 
THR OG1  O N N 382 
THR CG2  C N N 383 
THR OXT  O N N 384 
THR H    H N N 385 
THR H2   H N N 386 
THR HA   H N N 387 
THR HB   H N N 388 
THR HG1  H N N 389 
THR HG21 H N N 390 
THR HG22 H N N 391 
THR HG23 H N N 392 
THR HXT  H N N 393 
TRP N    N N N 394 
TRP CA   C N S 395 
TRP C    C N N 396 
TRP O    O N N 397 
TRP CB   C N N 398 
TRP CG   C Y N 399 
TRP CD1  C Y N 400 
TRP CD2  C Y N 401 
TRP NE1  N Y N 402 
TRP CE2  C Y N 403 
TRP CE3  C Y N 404 
TRP CZ2  C Y N 405 
TRP CZ3  C Y N 406 
TRP CH2  C Y N 407 
TRP OXT  O N N 408 
TRP H    H N N 409 
TRP H2   H N N 410 
TRP HA   H N N 411 
TRP HB2  H N N 412 
TRP HB3  H N N 413 
TRP HD1  H N N 414 
TRP HE1  H N N 415 
TRP HE3  H N N 416 
TRP HZ2  H N N 417 
TRP HZ3  H N N 418 
TRP HH2  H N N 419 
TRP HXT  H N N 420 
TYR N    N N N 421 
TYR CA   C N S 422 
TYR C    C N N 423 
TYR O    O N N 424 
TYR CB   C N N 425 
TYR CG   C Y N 426 
TYR CD1  C Y N 427 
TYR CD2  C Y N 428 
TYR CE1  C Y N 429 
TYR CE2  C Y N 430 
TYR CZ   C Y N 431 
TYR OH   O N N 432 
TYR OXT  O N N 433 
TYR H    H N N 434 
TYR H2   H N N 435 
TYR HA   H N N 436 
TYR HB2  H N N 437 
TYR HB3  H N N 438 
TYR HD1  H N N 439 
TYR HD2  H N N 440 
TYR HE1  H N N 441 
TYR HE2  H N N 442 
TYR HH   H N N 443 
TYR HXT  H N N 444 
VAL N    N N N 445 
VAL CA   C N S 446 
VAL C    C N N 447 
VAL O    O N N 448 
VAL CB   C N N 449 
VAL CG1  C N N 450 
VAL CG2  C N N 451 
VAL OXT  O N N 452 
VAL H    H N N 453 
VAL H2   H N N 454 
VAL HA   H N N 455 
VAL HB   H N N 456 
VAL HG11 H N N 457 
VAL HG12 H N N 458 
VAL HG13 H N N 459 
VAL HG21 H N N 460 
VAL HG22 H N N 461 
VAL HG23 H N N 462 
VAL HXT  H N N 463 
# 
loop_
_chem_comp_bond.comp_id 
_chem_comp_bond.atom_id_1 
_chem_comp_bond.atom_id_2 
_chem_comp_bond.value_order 
_chem_comp_bond.pdbx_aromatic_flag 
_chem_comp_bond.pdbx_stereo_config 
_chem_comp_bond.pdbx_ordinal 
ALA N   CA   sing N N 1   
ALA N   H    sing N N 2   
ALA N   H2   sing N N 3   
ALA CA  C    sing N N 4   
ALA CA  CB   sing N N 5   
ALA CA  HA   sing N N 6   
ALA C   O    doub N N 7   
ALA C   OXT  sing N N 8   
ALA CB  HB1  sing N N 9   
ALA CB  HB2  sing N N 10  
ALA CB  HB3  sing N N 11  
ALA OXT HXT  sing N N 12  
ARG N   CA   sing N N 13  
ARG N   H    sing N N 14  
ARG N   H2   sing N N 15  
ARG CA  C    sing N N 16  
ARG CA  CB   sing N N 17  
ARG CA  HA   sing N N 18  
ARG C   O    doub N N 19  
ARG C   OXT  sing N N 20  
ARG CB  CG   sing N N 21  
ARG CB  HB2  sing N N 22  
ARG CB  HB3  sing N N 23  
ARG CG  CD   sing N N 24  
ARG CG  HG2  sing N N 25  
ARG CG  HG3  sing N N 26  
ARG CD  NE   sing N N 27  
ARG CD  HD2  sing N N 28  
ARG CD  HD3  sing N N 29  
ARG NE  CZ   sing N N 30  
ARG NE  HE   sing N N 31  
ARG CZ  NH1  sing N N 32  
ARG CZ  NH2  doub N N 33  
ARG NH1 HH11 sing N N 34  
ARG NH1 HH12 sing N N 35  
ARG NH2 HH21 sing N N 36  
ARG NH2 HH22 sing N N 37  
ARG OXT HXT  sing N N 38  
ASN N   CA   sing N N 39  
ASN N   H    sing N N 40  
ASN N   H2   sing N N 41  
ASN CA  C    sing N N 42  
ASN CA  CB   sing N N 43  
ASN CA  HA   sing N N 44  
ASN C   O    doub N N 45  
ASN C   OXT  sing N N 46  
ASN CB  CG   sing N N 47  
ASN CB  HB2  sing N N 48  
ASN CB  HB3  sing N N 49  
ASN CG  OD1  doub N N 50  
ASN CG  ND2  sing N N 51  
ASN ND2 HD21 sing N N 52  
ASN ND2 HD22 sing N N 53  
ASN OXT HXT  sing N N 54  
ASP N   CA   sing N N 55  
ASP N   H    sing N N 56  
ASP N   H2   sing N N 57  
ASP CA  C    sing N N 58  
ASP CA  CB   sing N N 59  
ASP CA  HA   sing N N 60  
ASP C   O    doub N N 61  
ASP C   OXT  sing N N 62  
ASP CB  CG   sing N N 63  
ASP CB  HB2  sing N N 64  
ASP CB  HB3  sing N N 65  
ASP CG  OD1  doub N N 66  
ASP CG  OD2  sing N N 67  
ASP OD2 HD2  sing N N 68  
ASP OXT HXT  sing N N 69  
CYS N   CA   sing N N 70  
CYS N   H    sing N N 71  
CYS N   H2   sing N N 72  
CYS CA  C    sing N N 73  
CYS CA  CB   sing N N 74  
CYS CA  HA   sing N N 75  
CYS C   O    doub N N 76  
CYS C   OXT  sing N N 77  
CYS CB  SG   sing N N 78  
CYS CB  HB2  sing N N 79  
CYS CB  HB3  sing N N 80  
CYS SG  HG   sing N N 81  
CYS OXT HXT  sing N N 82  
GLN N   CA   sing N N 83  
GLN N   H    sing N N 84  
GLN N   H2   sing N N 85  
GLN CA  C    sing N N 86  
GLN CA  CB   sing N N 87  
GLN CA  HA   sing N N 88  
GLN C   O    doub N N 89  
GLN C   OXT  sing N N 90  
GLN CB  CG   sing N N 91  
GLN CB  HB2  sing N N 92  
GLN CB  HB3  sing N N 93  
GLN CG  CD   sing N N 94  
GLN CG  HG2  sing N N 95  
GLN CG  HG3  sing N N 96  
GLN CD  OE1  doub N N 97  
GLN CD  NE2  sing N N 98  
GLN NE2 HE21 sing N N 99  
GLN NE2 HE22 sing N N 100 
GLN OXT HXT  sing N N 101 
GLU N   CA   sing N N 102 
GLU N   H    sing N N 103 
GLU N   H2   sing N N 104 
GLU CA  C    sing N N 105 
GLU CA  CB   sing N N 106 
GLU CA  HA   sing N N 107 
GLU C   O    doub N N 108 
GLU C   OXT  sing N N 109 
GLU CB  CG   sing N N 110 
GLU CB  HB2  sing N N 111 
GLU CB  HB3  sing N N 112 
GLU CG  CD   sing N N 113 
GLU CG  HG2  sing N N 114 
GLU CG  HG3  sing N N 115 
GLU CD  OE1  doub N N 116 
GLU CD  OE2  sing N N 117 
GLU OE2 HE2  sing N N 118 
GLU OXT HXT  sing N N 119 
GLY N   CA   sing N N 120 
GLY N   H    sing N N 121 
GLY N   H2   sing N N 122 
GLY CA  C    sing N N 123 
GLY CA  HA2  sing N N 124 
GLY CA  HA3  sing N N 125 
GLY C   O    doub N N 126 
GLY C   OXT  sing N N 127 
GLY OXT HXT  sing N N 128 
HIS N   CA   sing N N 129 
HIS N   H    sing N N 130 
HIS N   H2   sing N N 131 
HIS CA  C    sing N N 132 
HIS CA  CB   sing N N 133 
HIS CA  HA   sing N N 134 
HIS C   O    doub N N 135 
HIS C   OXT  sing N N 136 
HIS CB  CG   sing N N 137 
HIS CB  HB2  sing N N 138 
HIS CB  HB3  sing N N 139 
HIS CG  ND1  sing Y N 140 
HIS CG  CD2  doub Y N 141 
HIS ND1 CE1  doub Y N 142 
HIS ND1 HD1  sing N N 143 
HIS CD2 NE2  sing Y N 144 
HIS CD2 HD2  sing N N 145 
HIS CE1 NE2  sing Y N 146 
HIS CE1 HE1  sing N N 147 
HIS NE2 HE2  sing N N 148 
HIS OXT HXT  sing N N 149 
ILE N   CA   sing N N 150 
ILE N   H    sing N N 151 
ILE N   H2   sing N N 152 
ILE CA  C    sing N N 153 
ILE CA  CB   sing N N 154 
ILE CA  HA   sing N N 155 
ILE C   O    doub N N 156 
ILE C   OXT  sing N N 157 
ILE CB  CG1  sing N N 158 
ILE CB  CG2  sing N N 159 
ILE CB  HB   sing N N 160 
ILE CG1 CD1  sing N N 161 
ILE CG1 HG12 sing N N 162 
ILE CG1 HG13 sing N N 163 
ILE CG2 HG21 sing N N 164 
ILE CG2 HG22 sing N N 165 
ILE CG2 HG23 sing N N 166 
ILE CD1 HD11 sing N N 167 
ILE CD1 HD12 sing N N 168 
ILE CD1 HD13 sing N N 169 
ILE OXT HXT  sing N N 170 
LEU N   CA   sing N N 171 
LEU N   H    sing N N 172 
LEU N   H2   sing N N 173 
LEU CA  C    sing N N 174 
LEU CA  CB   sing N N 175 
LEU CA  HA   sing N N 176 
LEU C   O    doub N N 177 
LEU C   OXT  sing N N 178 
LEU CB  CG   sing N N 179 
LEU CB  HB2  sing N N 180 
LEU CB  HB3  sing N N 181 
LEU CG  CD1  sing N N 182 
LEU CG  CD2  sing N N 183 
LEU CG  HG   sing N N 184 
LEU CD1 HD11 sing N N 185 
LEU CD1 HD12 sing N N 186 
LEU CD1 HD13 sing N N 187 
LEU CD2 HD21 sing N N 188 
LEU CD2 HD22 sing N N 189 
LEU CD2 HD23 sing N N 190 
LEU OXT HXT  sing N N 191 
LYS N   CA   sing N N 192 
LYS N   H    sing N N 193 
LYS N   H2   sing N N 194 
LYS CA  C    sing N N 195 
LYS CA  CB   sing N N 196 
LYS CA  HA   sing N N 197 
LYS C   O    doub N N 198 
LYS C   OXT  sing N N 199 
LYS CB  CG   sing N N 200 
LYS CB  HB2  sing N N 201 
LYS CB  HB3  sing N N 202 
LYS CG  CD   sing N N 203 
LYS CG  HG2  sing N N 204 
LYS CG  HG3  sing N N 205 
LYS CD  CE   sing N N 206 
LYS CD  HD2  sing N N 207 
LYS CD  HD3  sing N N 208 
LYS CE  NZ   sing N N 209 
LYS CE  HE2  sing N N 210 
LYS CE  HE3  sing N N 211 
LYS NZ  HZ1  sing N N 212 
LYS NZ  HZ2  sing N N 213 
LYS NZ  HZ3  sing N N 214 
LYS OXT HXT  sing N N 215 
MET N   CA   sing N N 216 
MET N   H    sing N N 217 
MET N   H2   sing N N 218 
MET CA  C    sing N N 219 
MET CA  CB   sing N N 220 
MET CA  HA   sing N N 221 
MET C   O    doub N N 222 
MET C   OXT  sing N N 223 
MET CB  CG   sing N N 224 
MET CB  HB2  sing N N 225 
MET CB  HB3  sing N N 226 
MET CG  SD   sing N N 227 
MET CG  HG2  sing N N 228 
MET CG  HG3  sing N N 229 
MET SD  CE   sing N N 230 
MET CE  HE1  sing N N 231 
MET CE  HE2  sing N N 232 
MET CE  HE3  sing N N 233 
MET OXT HXT  sing N N 234 
NAP PA  O1A  doub N N 235 
NAP PA  O2A  sing N N 236 
NAP PA  O5B  sing N N 237 
NAP PA  O3   sing N N 238 
NAP O2A HOA2 sing N N 239 
NAP O5B C5B  sing N N 240 
NAP C5B C4B  sing N N 241 
NAP C5B H51A sing N N 242 
NAP C5B H52A sing N N 243 
NAP C4B O4B  sing N N 244 
NAP C4B C3B  sing N N 245 
NAP C4B H4B  sing N N 246 
NAP O4B C1B  sing N N 247 
NAP C3B O3B  sing N N 248 
NAP C3B C2B  sing N N 249 
NAP C3B H3B  sing N N 250 
NAP O3B HO3A sing N N 251 
NAP C2B O2B  sing N N 252 
NAP C2B C1B  sing N N 253 
NAP C2B H2B  sing N N 254 
NAP O2B P2B  sing N N 255 
NAP C1B N9A  sing N N 256 
NAP C1B H1B  sing N N 257 
NAP N9A C8A  sing Y N 258 
NAP N9A C4A  sing Y N 259 
NAP C8A N7A  doub Y N 260 
NAP C8A H8A  sing N N 261 
NAP N7A C5A  sing Y N 262 
NAP C5A C6A  sing Y N 263 
NAP C5A C4A  doub Y N 264 
NAP C6A N6A  sing N N 265 
NAP C6A N1A  doub Y N 266 
NAP N6A H61A sing N N 267 
NAP N6A H62A sing N N 268 
NAP N1A C2A  sing Y N 269 
NAP C2A N3A  doub Y N 270 
NAP C2A H2A  sing N N 271 
NAP N3A C4A  sing Y N 272 
NAP O3  PN   sing N N 273 
NAP PN  O1N  doub N N 274 
NAP PN  O2N  sing N N 275 
NAP PN  O5D  sing N N 276 
NAP O5D C5D  sing N N 277 
NAP C5D C4D  sing N N 278 
NAP C5D H51N sing N N 279 
NAP C5D H52N sing N N 280 
NAP C4D O4D  sing N N 281 
NAP C4D C3D  sing N N 282 
NAP C4D H4D  sing N N 283 
NAP O4D C1D  sing N N 284 
NAP C3D O3D  sing N N 285 
NAP C3D C2D  sing N N 286 
NAP C3D H3D  sing N N 287 
NAP O3D HO3N sing N N 288 
NAP C2D O2D  sing N N 289 
NAP C2D C1D  sing N N 290 
NAP C2D H2D  sing N N 291 
NAP O2D HO2N sing N N 292 
NAP C1D N1N  sing N N 293 
NAP C1D H1D  sing N N 294 
NAP N1N C2N  sing Y N 295 
NAP N1N C6N  doub Y N 296 
NAP C2N C3N  doub Y N 297 
NAP C2N H2N  sing N N 298 
NAP C3N C7N  sing N N 299 
NAP C3N C4N  sing Y N 300 
NAP C7N O7N  doub N N 301 
NAP C7N N7N  sing N N 302 
NAP N7N H71N sing N N 303 
NAP N7N H72N sing N N 304 
NAP C4N C5N  doub Y N 305 
NAP C4N H4N  sing N N 306 
NAP C5N C6N  sing Y N 307 
NAP C5N H5N  sing N N 308 
NAP C6N H6N  sing N N 309 
NAP P2B O1X  doub N N 310 
NAP P2B O2X  sing N N 311 
NAP P2B O3X  sing N N 312 
NAP O2X HOP2 sing N N 313 
NAP O3X HOP3 sing N N 314 
PHE N   CA   sing N N 315 
PHE N   H    sing N N 316 
PHE N   H2   sing N N 317 
PHE CA  C    sing N N 318 
PHE CA  CB   sing N N 319 
PHE CA  HA   sing N N 320 
PHE C   O    doub N N 321 
PHE C   OXT  sing N N 322 
PHE CB  CG   sing N N 323 
PHE CB  HB2  sing N N 324 
PHE CB  HB3  sing N N 325 
PHE CG  CD1  doub Y N 326 
PHE CG  CD2  sing Y N 327 
PHE CD1 CE1  sing Y N 328 
PHE CD1 HD1  sing N N 329 
PHE CD2 CE2  doub Y N 330 
PHE CD2 HD2  sing N N 331 
PHE CE1 CZ   doub Y N 332 
PHE CE1 HE1  sing N N 333 
PHE CE2 CZ   sing Y N 334 
PHE CE2 HE2  sing N N 335 
PHE CZ  HZ   sing N N 336 
PHE OXT HXT  sing N N 337 
PRO N   CA   sing N N 338 
PRO N   CD   sing N N 339 
PRO N   H    sing N N 340 
PRO CA  C    sing N N 341 
PRO CA  CB   sing N N 342 
PRO CA  HA   sing N N 343 
PRO C   O    doub N N 344 
PRO C   OXT  sing N N 345 
PRO CB  CG   sing N N 346 
PRO CB  HB2  sing N N 347 
PRO CB  HB3  sing N N 348 
PRO CG  CD   sing N N 349 
PRO CG  HG2  sing N N 350 
PRO CG  HG3  sing N N 351 
PRO CD  HD2  sing N N 352 
PRO CD  HD3  sing N N 353 
PRO OXT HXT  sing N N 354 
SER N   CA   sing N N 355 
SER N   H    sing N N 356 
SER N   H2   sing N N 357 
SER CA  C    sing N N 358 
SER CA  CB   sing N N 359 
SER CA  HA   sing N N 360 
SER C   O    doub N N 361 
SER C   OXT  sing N N 362 
SER CB  OG   sing N N 363 
SER CB  HB2  sing N N 364 
SER CB  HB3  sing N N 365 
SER OG  HG   sing N N 366 
SER OXT HXT  sing N N 367 
THR N   CA   sing N N 368 
THR N   H    sing N N 369 
THR N   H2   sing N N 370 
THR CA  C    sing N N 371 
THR CA  CB   sing N N 372 
THR CA  HA   sing N N 373 
THR C   O    doub N N 374 
THR C   OXT  sing N N 375 
THR CB  OG1  sing N N 376 
THR CB  CG2  sing N N 377 
THR CB  HB   sing N N 378 
THR OG1 HG1  sing N N 379 
THR CG2 HG21 sing N N 380 
THR CG2 HG22 sing N N 381 
THR CG2 HG23 sing N N 382 
THR OXT HXT  sing N N 383 
TRP N   CA   sing N N 384 
TRP N   H    sing N N 385 
TRP N   H2   sing N N 386 
TRP CA  C    sing N N 387 
TRP CA  CB   sing N N 388 
TRP CA  HA   sing N N 389 
TRP C   O    doub N N 390 
TRP C   OXT  sing N N 391 
TRP CB  CG   sing N N 392 
TRP CB  HB2  sing N N 393 
TRP CB  HB3  sing N N 394 
TRP CG  CD1  doub Y N 395 
TRP CG  CD2  sing Y N 396 
TRP CD1 NE1  sing Y N 397 
TRP CD1 HD1  sing N N 398 
TRP CD2 CE2  doub Y N 399 
TRP CD2 CE3  sing Y N 400 
TRP NE1 CE2  sing Y N 401 
TRP NE1 HE1  sing N N 402 
TRP CE2 CZ2  sing Y N 403 
TRP CE3 CZ3  doub Y N 404 
TRP CE3 HE3  sing N N 405 
TRP CZ2 CH2  doub Y N 406 
TRP CZ2 HZ2  sing N N 407 
TRP CZ3 CH2  sing Y N 408 
TRP CZ3 HZ3  sing N N 409 
TRP CH2 HH2  sing N N 410 
TRP OXT HXT  sing N N 411 
TYR N   CA   sing N N 412 
TYR N   H    sing N N 413 
TYR N   H2   sing N N 414 
TYR CA  C    sing N N 415 
TYR CA  CB   sing N N 416 
TYR CA  HA   sing N N 417 
TYR C   O    doub N N 418 
TYR C   OXT  sing N N 419 
TYR CB  CG   sing N N 420 
TYR CB  HB2  sing N N 421 
TYR CB  HB3  sing N N 422 
TYR CG  CD1  doub Y N 423 
TYR CG  CD2  sing Y N 424 
TYR CD1 CE1  sing Y N 425 
TYR CD1 HD1  sing N N 426 
TYR CD2 CE2  doub Y N 427 
TYR CD2 HD2  sing N N 428 
TYR CE1 CZ   doub Y N 429 
TYR CE1 HE1  sing N N 430 
TYR CE2 CZ   sing Y N 431 
TYR CE2 HE2  sing N N 432 
TYR CZ  OH   sing N N 433 
TYR OH  HH   sing N N 434 
TYR OXT HXT  sing N N 435 
VAL N   CA   sing N N 436 
VAL N   H    sing N N 437 
VAL N   H2   sing N N 438 
VAL CA  C    sing N N 439 
VAL CA  CB   sing N N 440 
VAL CA  HA   sing N N 441 
VAL C   O    doub N N 442 
VAL C   OXT  sing N N 443 
VAL CB  CG1  sing N N 444 
VAL CB  CG2  sing N N 445 
VAL CB  HB   sing N N 446 
VAL CG1 HG11 sing N N 447 
VAL CG1 HG12 sing N N 448 
VAL CG1 HG13 sing N N 449 
VAL CG2 HG21 sing N N 450 
VAL CG2 HG22 sing N N 451 
VAL CG2 HG23 sing N N 452 
VAL OXT HXT  sing N N 453 
# 
_pdbx_coordinate_model.asym_id   A 
_pdbx_coordinate_model.type      'CA ATOMS ONLY' 
# 
_atom_sites.entry_id                    1CWN 
_atom_sites.fract_transf_matrix[1][1]   -0.00802870 
_atom_sites.fract_transf_matrix[1][2]   -0.00409924 
_atom_sites.fract_transf_matrix[1][3]   0.01462883 
_atom_sites.fract_transf_matrix[2][1]   0.00199131 
_atom_sites.fract_transf_matrix[2][2]   -0.01565482 
_atom_sites.fract_transf_matrix[2][3]   0.00679829 
_atom_sites.fract_transf_matrix[3][1]   0.00322758 
_atom_sites.fract_transf_matrix[3][2]   0.00134326 
_atom_sites.fract_transf_matrix[3][3]   0.00214779 
_atom_sites.fract_transf_vector[1]      -0.177919 
_atom_sites.fract_transf_vector[2]      0.662801 
_atom_sites.fract_transf_vector[3]      0.039490 
# 
loop_
_atom_type.symbol 
C 
N 
O 
P 
# 
loop_
_atom_site.group_PDB 
_atom_site.id 
_atom_site.type_symbol 
_atom_site.label_atom_id 
_atom_site.label_alt_id 
_atom_site.label_comp_id 
_atom_site.label_asym_id 
_atom_site.label_entity_id 
_atom_site.label_seq_id 
_atom_site.pdbx_PDB_ins_code 
_atom_site.Cartn_x 
_atom_site.Cartn_y 
_atom_site.Cartn_z 
_atom_site.occupancy 
_atom_site.B_iso_or_equiv 
_atom_site.pdbx_formal_charge 
_atom_site.auth_seq_id 
_atom_site.auth_comp_id 
_atom_site.auth_asym_id 
_atom_site.auth_atom_id 
_atom_site.pdbx_PDB_model_num 
ATOM   1   C CA  . ALA A 1 1   ? 17.782  -2.186  7.980   1.00 9.26  ? 2   ALA A CA  1 
ATOM   2   C CA  . ALA A 1 2   ? 14.228  -2.680  9.281   1.00 9.58  ? 3   ALA A CA  1 
ATOM   3   C CA  . SER A 1 3   ? 12.800  -5.247  11.676  1.00 11.63 ? 4   SER A CA  1 
ATOM   4   C CA  . CYS A 1 4   ? 9.871   -7.407  10.598  1.00 13.42 ? 5   CYS A CA  1 
ATOM   5   C CA  . VAL A 1 5   ? 6.418   -8.594  11.641  1.00 12.95 ? 6   VAL A CA  1 
ATOM   6   C CA  . LEU A 1 6   ? 5.477   -12.225 11.180  1.00 11.52 ? 7   LEU A CA  1 
ATOM   7   C CA  . LEU A 1 7   ? 2.601   -12.817 8.758   1.00 8.47  ? 8   LEU A CA  1 
ATOM   8   C CA  . HIS A 1 8   ? 0.291   -15.751 9.538   1.00 8.56  ? 9   HIS A CA  1 
ATOM   9   C CA  . THR A 1 9   ? 1.874   -17.605 6.593   1.00 9.91  ? 10  THR A CA  1 
ATOM   10  C CA  . GLY A 1 10  ? 5.206   -17.567 8.401   1.00 9.88  ? 11  GLY A CA  1 
ATOM   11  C CA  . GLN A 1 11  ? 6.597   -14.857 6.097   1.00 9.33  ? 12  GLN A CA  1 
ATOM   12  C CA  . LYS A 1 12  ? 8.676   -12.147 7.752   1.00 11.75 ? 13  LYS A CA  1 
ATOM   13  C CA  . MET A 1 13  ? 7.340   -8.825  6.405   1.00 8.93  ? 14  MET A CA  1 
ATOM   14  C CA  . PRO A 1 14  ? 9.586   -5.725  6.976   1.00 9.28  ? 15  PRO A CA  1 
ATOM   15  C CA  . LEU A 1 15  ? 8.018   -2.931  9.020   1.00 8.42  ? 16  LEU A CA  1 
ATOM   16  C CA  . ILE A 1 16  ? 9.301   -0.407  6.489   1.00 8.30  ? 17  ILE A CA  1 
ATOM   17  C CA  . GLY A 1 17  ? 8.873   -0.805  2.723   1.00 5.90  ? 18  GLY A CA  1 
ATOM   18  C CA  . LEU A 1 18  ? 9.469   1.568   -0.193  1.00 6.06  ? 19  LEU A CA  1 
ATOM   19  C CA  . GLY A 1 19  ? 6.347   3.082   -1.814  1.00 6.48  ? 20  GLY A CA  1 
ATOM   20  C CA  . THR A 1 20  ? 6.405   3.574   -5.612  1.00 5.98  ? 21  THR A CA  1 
ATOM   21  C CA  . TRP A 1 21  ? 3.213   5.487   -6.520  1.00 9.46  ? 22  TRP A CA  1 
ATOM   22  C CA  . LYS A 1 22  ? 4.279   8.552   -8.542  1.00 10.04 ? 23  LYS A CA  1 
ATOM   23  C CA  . SER A 1 23  ? 7.850   7.166   -8.723  1.00 11.10 ? 24  SER A CA  1 
ATOM   24  C CA  . GLU A 1 24  ? 8.242   7.765   -12.410 1.00 11.95 ? 25  GLU A CA  1 
ATOM   25  C CA  . PRO A 1 25  ? 9.919   5.665   -15.084 1.00 14.50 ? 26  PRO A CA  1 
ATOM   26  C CA  . GLY A 1 26  ? 13.167  7.583   -15.422 1.00 12.80 ? 27  GLY A CA  1 
ATOM   27  C CA  . GLN A 1 27  ? 13.749  7.836   -11.643 1.00 12.91 ? 28  GLN A CA  1 
ATOM   28  C CA  . VAL A 1 28  ? 12.198  4.759   -9.964  1.00 11.48 ? 29  VAL A CA  1 
ATOM   29  C CA  . LYS A 1 29  ? 15.034  2.492   -11.012 1.00 9.95  ? 30  LYS A CA  1 
ATOM   30  C CA  . ALA A 1 30  ? 17.485  4.723   -9.099  1.00 12.11 ? 31  ALA A CA  1 
ATOM   31  C CA  . ALA A 1 31  ? 15.197  4.851   -6.035  1.00 11.80 ? 32  ALA A CA  1 
ATOM   32  C CA  . ILE A 1 32  ? 14.854  1.056   -6.007  1.00 10.97 ? 33  ILE A CA  1 
ATOM   33  C CA  . LYS A 1 33  ? 18.603  0.567   -6.213  1.00 11.67 ? 34  LYS A CA  1 
ATOM   34  C CA  . TYR A 1 34  ? 19.485  3.062   -3.488  1.00 9.74  ? 35  TYR A CA  1 
ATOM   35  C CA  . ALA A 1 35  ? 16.789  1.677   -1.169  1.00 7.88  ? 36  ALA A CA  1 
ATOM   36  C CA  . LEU A 1 36  ? 18.030  -1.887  -1.455  1.00 7.31  ? 37  LEU A CA  1 
ATOM   37  C CA  . THR A 1 37  ? 21.638  -0.766  -1.118  1.00 12.24 ? 38  THR A CA  1 
ATOM   38  C CA  . VAL A 1 38  ? 20.849  1.042   2.173   1.00 10.43 ? 39  VAL A CA  1 
ATOM   39  C CA  . GLY A 1 39  ? 18.981  -1.962  3.598   1.00 6.12  ? 40  GLY A CA  1 
ATOM   40  C CA  . TYR A 1 40  ? 15.402  -2.078  2.228   1.00 6.78  ? 41  TYR A CA  1 
ATOM   41  C CA  . ARG A 1 41  ? 14.026  -5.586  1.696   1.00 6.02  ? 42  ARG A CA  1 
ATOM   42  C CA  . HIS A 1 42  ? 10.422  -4.607  1.022   1.00 10.69 ? 43  HIS A CA  1 
ATOM   43  C CA  . ILE A 1 43  ? 9.060   -2.941  -2.126  1.00 10.70 ? 44  ILE A CA  1 
ATOM   44  C CA  . ASP A 1 44  ? 5.413   -1.973  -2.649  1.00 8.73  ? 45  ASP A CA  1 
ATOM   45  C CA  . CYS A 1 45  ? 4.300   -1.821  -6.302  1.00 9.27  ? 46  CYS A CA  1 
ATOM   46  C CA  . ALA A 1 46  ? 1.111   -1.824  -8.388  1.00 9.93  ? 47  ALA A CA  1 
ATOM   47  C CA  . ALA A 1 47  ? 0.302   -2.377  -12.045 1.00 11.26 ? 48  ALA A CA  1 
ATOM   48  C CA  . ILE A 1 48  ? -1.692  0.856   -12.082 1.00 8.89  ? 49  ILE A CA  1 
ATOM   49  C CA  . TYR A 1 49  ? 1.379   2.938   -11.055 1.00 8.95  ? 50  TYR A CA  1 
ATOM   50  C CA  . GLY A 1 50  ? 2.748   2.443   -14.548 1.00 7.90  ? 51  GLY A CA  1 
ATOM   51  C CA  . ASN A 1 51  ? 6.364   1.883   -13.526 1.00 13.36 ? 52  ASN A CA  1 
ATOM   52  C CA  . GLU A 1 52  ? 6.521   -1.841  -12.916 1.00 12.30 ? 53  GLU A CA  1 
ATOM   53  C CA  . LEU A 1 53  ? 8.510   -2.284  -16.130 1.00 12.97 ? 54  LEU A CA  1 
ATOM   54  C CA  . GLU A 1 54  ? 11.369  -0.066  -14.951 1.00 14.06 ? 55  GLU A CA  1 
ATOM   55  C CA  . ILE A 1 55  ? 11.208  -1.510  -11.422 1.00 11.32 ? 56  ILE A CA  1 
ATOM   56  C CA  . GLY A 1 56  ? 11.791  -4.869  -13.112 1.00 13.63 ? 57  GLY A CA  1 
ATOM   57  C CA  . GLU A 1 57  ? 14.995  -3.611  -14.731 1.00 15.64 ? 58  GLU A CA  1 
ATOM   58  C CA  . ALA A 1 58  ? 16.124  -2.494  -11.271 1.00 11.90 ? 59  ALA A CA  1 
ATOM   59  C CA  . LEU A 1 59  ? 15.313  -5.884  -9.716  1.00 12.21 ? 60  LEU A CA  1 
ATOM   60  C CA  . THR A 1 60  ? 16.919  -7.787  -12.575 1.00 15.63 ? 61  THR A CA  1 
ATOM   61  C CA  . GLU A 1 61  ? 20.323  -6.272  -11.989 1.00 19.01 ? 62  GLU A CA  1 
ATOM   62  C CA  . THR A 1 62  ? 20.187  -6.079  -8.178  1.00 17.03 ? 63  THR A CA  1 
ATOM   63  C CA  . VAL A 1 63  ? 18.169  -9.107  -7.000  1.00 14.34 ? 64  VAL A CA  1 
ATOM   64  C CA  . GLY A 1 64  ? 18.709  -12.838 -7.416  1.00 14.96 ? 65  GLY A CA  1 
ATOM   65  C CA  . PRO A 1 65  ? 21.540  -15.377 -8.127  1.00 20.41 ? 66  PRO A CA  1 
ATOM   66  C CA  . GLY A 1 66  ? 24.919  -13.777 -8.576  1.00 23.15 ? 67  GLY A CA  1 
ATOM   67  C CA  . LYS A 1 67  ? 23.488  -10.357 -7.654  1.00 20.83 ? 68  LYS A CA  1 
ATOM   68  C CA  . ALA A 1 68  ? 23.845  -8.041  -4.677  1.00 14.31 ? 69  ALA A CA  1 
ATOM   69  C CA  . VAL A 1 69  ? 20.590  -9.178  -2.995  1.00 13.49 ? 70  VAL A CA  1 
ATOM   70  C CA  . PRO A 1 70  ? 19.280  -12.785 -2.869  1.00 13.20 ? 71  PRO A CA  1 
ATOM   71  C CA  . ARG A 1 71  ? 15.671  -12.971 -4.191  1.00 10.90 ? 72  ARG A CA  1 
ATOM   72  C CA  . GLU A 1 72  ? 14.478  -14.686 -1.041  1.00 12.34 ? 73  GLU A CA  1 
ATOM   73  C CA  . GLU A 1 73  ? 15.572  -11.770 1.156   1.00 12.14 ? 74  GLU A CA  1 
ATOM   74  C CA  . LEU A 1 74  ? 13.357  -9.363  -0.750  1.00 8.66  ? 75  LEU A CA  1 
ATOM   75  C CA  . PHE A 1 75  ? 9.662   -8.849  -0.106  1.00 9.38  ? 76  PHE A CA  1 
ATOM   76  C CA  . VAL A 1 76  ? 7.787   -7.704  -3.216  1.00 8.35  ? 77  VAL A CA  1 
ATOM   77  C CA  . THR A 1 77  ? 4.134   -6.645  -3.111  1.00 10.37 ? 78  THR A CA  1 
ATOM   78  C CA  . SER A 1 78  ? 1.903   -5.813  -6.064  1.00 9.34  ? 79  SER A CA  1 
ATOM   79  C CA  . LYS A 1 79  ? -1.806  -5.351  -6.634  1.00 7.93  ? 80  LYS A CA  1 
ATOM   80  C CA  . LEU A 1 80  ? -4.527  -6.468  -9.080  1.00 6.85  ? 81  LEU A CA  1 
ATOM   81  C CA  . TRP A 1 81  ? -6.142  -3.407  -10.704 1.00 5.04  ? 82  TRP A CA  1 
ATOM   82  C CA  . ASN A 1 82  ? -9.974  -2.891  -10.816 1.00 7.58  ? 83  ASN A CA  1 
ATOM   83  C CA  . THR A 1 83  ? -10.301 -3.870  -14.505 1.00 10.09 ? 84  THR A CA  1 
ATOM   84  C CA  . LYS A 1 84  ? -8.854  -7.290  -13.747 1.00 10.54 ? 85  LYS A CA  1 
ATOM   85  C CA  . HIS A 1 85  ? -11.445 -8.621  -11.332 1.00 5.50  ? 86  HIS A CA  1 
ATOM   86  C CA  . HIS A 1 86  ? -12.984 -11.193 -13.656 1.00 15.32 ? 87  HIS A CA  1 
ATOM   87  C CA  . PRO A 1 87  ? -11.870 -14.746 -12.789 1.00 11.14 ? 88  PRO A CA  1 
ATOM   88  C CA  . GLU A 1 88  ? -10.467 -15.063 -16.336 1.00 12.24 ? 89  GLU A CA  1 
ATOM   89  C CA  . ASP A 1 89  ? -8.273  -11.947 -16.197 1.00 13.99 ? 90  ASP A CA  1 
ATOM   90  C CA  . VAL A 1 90  ? -6.742  -12.466 -12.753 1.00 11.98 ? 91  VAL A CA  1 
ATOM   91  C CA  . GLU A 1 91  ? -3.953  -14.816 -13.902 1.00 12.71 ? 92  GLU A CA  1 
ATOM   92  C CA  . PRO A 1 92  ? -3.117  -12.810 -17.053 1.00 10.42 ? 93  PRO A CA  1 
ATOM   93  C CA  . ALA A 1 93  ? -2.966  -9.695  -14.857 1.00 13.30 ? 94  ALA A CA  1 
ATOM   94  C CA  . LEU A 1 94  ? -0.569  -11.264 -12.352 1.00 11.14 ? 95  LEU A CA  1 
ATOM   95  C CA  . ARG A 1 95  ? 1.617   -12.797 -15.105 1.00 8.40  ? 96  ARG A CA  1 
ATOM   96  C CA  . LYS A 1 96  ? 1.996   -9.412  -16.856 1.00 15.06 ? 97  LYS A CA  1 
ATOM   97  C CA  . THR A 1 97  ? 3.045   -7.822  -13.543 1.00 12.26 ? 98  THR A CA  1 
ATOM   98  C CA  . LEU A 1 98  ? 5.587   -10.635 -13.082 1.00 12.02 ? 99  LEU A CA  1 
ATOM   99  C CA  . ALA A 1 99  ? 6.900   -10.136 -16.604 1.00 12.25 ? 100 ALA A CA  1 
ATOM   100 C CA  . ASP A 1 100 ? 7.343   -6.383  -16.116 1.00 12.65 ? 101 ASP A CA  1 
ATOM   101 C CA  . LEU A 1 101 ? 8.807   -6.970  -12.648 1.00 12.61 ? 102 LEU A CA  1 
ATOM   102 C CA  . GLN A 1 102 ? 10.873  -9.876  -14.043 1.00 13.01 ? 103 GLN A CA  1 
ATOM   103 C CA  . LEU A 1 103 ? 10.080  -11.978 -10.999 1.00 12.20 ? 104 LEU A CA  1 
ATOM   104 C CA  . GLU A 1 104 ? 9.036   -15.612 -10.844 1.00 13.60 ? 105 GLU A CA  1 
ATOM   105 C CA  . TYR A 1 105 ? 6.743   -14.763 -7.946  1.00 9.40  ? 106 TYR A CA  1 
ATOM   106 C CA  . LEU A 1 106 ? 5.308   -12.099 -5.673  1.00 9.48  ? 107 LEU A CA  1 
ATOM   107 C CA  . ASP A 1 107 ? 5.576   -12.179 -1.894  1.00 9.62  ? 108 ASP A CA  1 
ATOM   108 C CA  . LEU A 1 108 ? 2.145   -10.556 -1.666  1.00 6.59  ? 109 LEU A CA  1 
ATOM   109 C CA  . TYR A 1 109 ? -0.624  -9.881  -4.195  1.00 6.15  ? 110 TYR A CA  1 
ATOM   110 C CA  . LEU A 1 110 ? -3.402  -7.587  -3.084  1.00 7.40  ? 111 LEU A CA  1 
ATOM   111 C CA  . MET A 1 111 ? -6.782  -6.761  -4.515  1.00 7.49  ? 112 MET A CA  1 
ATOM   112 C CA  . HIS A 1 112 ? -6.411  -3.016  -4.989  1.00 7.79  ? 113 HIS A CA  1 
ATOM   113 C CA  . TRP A 1 113 ? -10.098 -2.205  -4.457  1.00 6.67  ? 114 TRP A CA  1 
ATOM   114 C CA  . PRO A 1 114 ? -13.246 -4.186  -3.598  1.00 11.22 ? 115 PRO A CA  1 
ATOM   115 C CA  . TYR A 1 115 ? -15.119 -3.026  -6.757  1.00 12.72 ? 116 TYR A CA  1 
ATOM   116 C CA  . ALA A 1 116 ? -14.507 -3.884  -10.429 1.00 13.41 ? 117 ALA A CA  1 
ATOM   117 C CA  . PHE A 1 117 ? -14.188 -1.651  -13.509 1.00 11.69 ? 118 PHE A CA  1 
ATOM   118 C CA  . GLU A 1 118 ? -15.133 -2.620  -17.032 1.00 14.51 ? 119 GLU A CA  1 
ATOM   119 C CA  . ARG A 1 119 ? -12.788 -5.373  -18.207 1.00 16.56 ? 120 ARG A CA  1 
ATOM   120 C CA  . GLY A 1 120 ? -10.361 -4.623  -21.009 1.00 18.99 ? 121 GLY A CA  1 
ATOM   121 C CA  . ASP A 1 121 ? -7.114  -2.723  -21.397 1.00 22.53 ? 122 ASP A CA  1 
ATOM   122 C CA  . ASN A 1 122 ? -8.305  0.720   -20.361 1.00 18.02 ? 123 ASN A CA  1 
ATOM   123 C CA  . PRO A 1 123 ? -7.332  1.281   -16.698 1.00 14.82 ? 124 PRO A CA  1 
ATOM   124 C CA  . PHE A 1 124 ? -10.092 3.865   -16.394 1.00 13.73 ? 125 PHE A CA  1 
ATOM   125 C CA  . PRO A 1 125 ? -12.964 2.748   -18.710 1.00 17.85 ? 126 PRO A CA  1 
ATOM   126 C CA  . LYS A 1 126 ? -15.594 5.490   -18.964 1.00 21.47 ? 127 LYS A CA  1 
ATOM   127 C CA  . ASN A 1 127 ? -19.203 5.878   -20.060 1.00 27.85 ? 128 ASN A CA  1 
ATOM   128 C CA  . ALA A 1 128 ? -20.250 8.309   -22.776 1.00 33.97 ? 129 ALA A CA  1 
ATOM   129 C CA  . ASP A 1 129 ? -20.357 11.149  -20.233 1.00 34.31 ? 130 ASP A CA  1 
ATOM   130 C CA  . GLY A 1 130 ? -17.214 10.385  -18.260 1.00 32.02 ? 131 GLY A CA  1 
ATOM   131 C CA  . THR A 1 131 ? -18.271 8.471   -15.191 1.00 25.40 ? 132 THR A CA  1 
ATOM   132 C CA  . ILE A 1 132 ? -16.415 5.220   -14.660 1.00 20.31 ? 133 ILE A CA  1 
ATOM   133 C CA  . ARG A 1 133 ? -18.220 2.275   -16.143 1.00 20.10 ? 134 ARG A CA  1 
ATOM   134 C CA  . TYR A 1 134 ? -18.221 -0.563  -13.672 1.00 16.04 ? 135 TYR A CA  1 
ATOM   135 C CA  . ASP A 1 135 ? -18.322 -4.308  -13.937 1.00 16.09 ? 136 ASP A CA  1 
ATOM   136 C CA  . ALA A 1 136 ? -20.269 -6.176  -11.274 1.00 12.86 ? 137 ALA A CA  1 
ATOM   137 C CA  . THR A 1 137 ? -17.935 -9.053  -10.535 1.00 11.16 ? 138 THR A CA  1 
ATOM   138 C CA  . HIS A 1 138 ? -18.238 -9.562  -6.800  1.00 10.63 ? 139 HIS A CA  1 
ATOM   139 C CA  . TYR A 1 139 ? -14.921 -9.494  -4.873  1.00 9.26  ? 140 TYR A CA  1 
ATOM   140 C CA  . LYS A 1 140 ? -15.668 -12.955 -3.472  1.00 8.04  ? 141 LYS A CA  1 
ATOM   141 C CA  . ASP A 1 141 ? -15.344 -14.425 -6.955  1.00 9.33  ? 142 ASP A CA  1 
ATOM   142 C CA  . THR A 1 142 ? -12.186 -12.448 -7.668  1.00 9.40  ? 143 THR A CA  1 
ATOM   143 C CA  . TRP A 1 143 ? -10.732 -13.890 -4.434  1.00 11.19 ? 144 TRP A CA  1 
ATOM   144 C CA  . LYS A 1 144 ? -11.255 -17.541 -5.353  1.00 11.59 ? 145 LYS A CA  1 
ATOM   145 C CA  . ALA A 1 145 ? -9.491  -16.703 -8.616  1.00 10.81 ? 146 ALA A CA  1 
ATOM   146 C CA  . LEU A 1 146 ? -6.615  -15.156 -6.601  1.00 10.18 ? 147 LEU A CA  1 
ATOM   147 C CA  . GLU A 1 147 ? -6.333  -18.371 -4.578  1.00 9.05  ? 148 GLU A CA  1 
ATOM   148 C CA  . ALA A 1 148 ? -5.654  -20.367 -7.690  1.00 9.51  ? 149 ALA A CA  1 
ATOM   149 C CA  . LEU A 1 149 ? -2.515  -18.220 -8.108  1.00 10.38 ? 150 LEU A CA  1 
ATOM   150 C CA  . VAL A 1 150 ? -0.994  -19.444 -4.805  1.00 11.70 ? 151 VAL A CA  1 
ATOM   151 C CA  . ALA A 1 151 ? -1.549  -23.037 -5.874  1.00 14.59 ? 152 ALA A CA  1 
ATOM   152 C CA  . LYS A 1 152 ? 0.432   -22.183 -9.014  1.00 15.78 ? 153 LYS A CA  1 
ATOM   153 C CA  . GLY A 1 153 ? 3.311   -20.779 -6.979  1.00 16.65 ? 154 GLY A CA  1 
ATOM   154 C CA  . LEU A 1 154 ? 2.922   -17.362 -8.557  1.00 12.19 ? 155 LEU A CA  1 
ATOM   155 C CA  . VAL A 1 155 ? 2.171   -15.551 -5.256  1.00 11.30 ? 156 VAL A CA  1 
ATOM   156 C CA  . ARG A 1 156 ? 3.160   -16.516 -1.679  1.00 10.42 ? 157 ARG A CA  1 
ATOM   157 C CA  . ALA A 1 157 ? 0.499   -14.528 0.096   1.00 7.53  ? 158 ALA A CA  1 
ATOM   158 C CA  . LEU A 1 158 ? -2.706  -12.679 -0.671  1.00 10.56 ? 159 LEU A CA  1 
ATOM   159 C CA  . GLY A 1 159 ? -4.213  -9.585  0.887   1.00 5.57  ? 160 GLY A CA  1 
ATOM   160 C CA  . LEU A 1 160 ? -6.714  -6.774  0.628   1.00 6.99  ? 161 LEU A CA  1 
ATOM   161 C CA  . SER A 1 161 ? -6.503  -3.083  0.007   1.00 6.23  ? 162 SER A CA  1 
ATOM   162 C CA  . ASN A 1 162 ? -9.142  -0.469  0.694   1.00 10.71 ? 163 ASN A CA  1 
ATOM   163 C CA  . PHE A 1 163 ? -11.591 -3.037  2.056   1.00 8.45  ? 164 PHE A CA  1 
ATOM   164 C CA  . SER A 1 164 ? -13.765 -2.228  5.064   1.00 12.03 ? 165 SER A CA  1 
ATOM   165 C CA  . SER A 1 165 ? -14.264 -4.555  8.081   1.00 12.23 ? 166 SER A CA  1 
ATOM   166 C CA  . ARG A 1 166 ? -17.536 -5.911  6.807   1.00 13.45 ? 167 ARG A CA  1 
ATOM   167 C CA  . GLN A 1 167 ? -15.985 -6.574  3.385   1.00 9.36  ? 168 GLN A CA  1 
ATOM   168 C CA  . ILE A 1 168 ? -12.970 -8.284  5.023   1.00 10.24 ? 169 ILE A CA  1 
ATOM   169 C CA  . ASP A 1 169 ? -15.379 -10.498 7.026   1.00 13.32 ? 170 ASP A CA  1 
ATOM   170 C CA  . ASP A 1 170 ? -17.225 -11.337 3.807   1.00 10.99 ? 171 ASP A CA  1 
ATOM   171 C CA  . VAL A 1 171 ? -13.926 -12.330 2.183   1.00 8.91  ? 172 VAL A CA  1 
ATOM   172 C CA  . LEU A 1 172 ? -13.096 -14.518 5.225   1.00 10.16 ? 173 LEU A CA  1 
ATOM   173 C CA  . SER A 1 173 ? -16.378 -16.482 5.021   1.00 10.07 ? 174 SER A CA  1 
ATOM   174 C CA  . VAL A 1 174 ? -15.141 -17.894 1.678   1.00 8.31  ? 175 VAL A CA  1 
ATOM   175 C CA  . ALA A 1 175 ? -11.355 -17.884 2.035   1.00 9.86  ? 176 ALA A CA  1 
ATOM   176 C CA  . SER A 1 176 ? -9.420  -21.161 1.610   1.00 11.10 ? 177 SER A CA  1 
ATOM   177 C CA  . VAL A 1 177 ? -6.258  -18.982 1.567   1.00 9.82  ? 178 VAL A CA  1 
ATOM   178 C CA  . ARG A 1 178 ? -6.781  -16.354 4.277   1.00 8.14  ? 179 ARG A CA  1 
ATOM   179 C CA  . PRO A 1 179 ? -5.801  -12.769 3.530   1.00 8.12  ? 180 PRO A CA  1 
ATOM   180 C CA  . ALA A 1 180 ? -2.630  -11.962 5.468   1.00 8.48  ? 181 ALA A CA  1 
ATOM   181 C CA  . VAL A 1 181 ? -2.391  -8.181  5.041   1.00 7.98  ? 182 VAL A CA  1 
ATOM   182 C CA  . LEU A 1 182 ? -4.716  -5.197  4.737   1.00 9.31  ? 183 LEU A CA  1 
ATOM   183 C CA  . GLN A 1 183 ? -3.259  -2.114  3.090   1.00 7.19  ? 184 GLN A CA  1 
ATOM   184 C CA  . VAL A 1 184 ? -5.185  1.098   3.868   1.00 5.83  ? 185 VAL A CA  1 
ATOM   185 C CA  . GLU A 1 185 ? -4.516  4.814   4.366   1.00 7.26  ? 186 GLU A CA  1 
ATOM   186 C CA  . CYS A 1 186 ? -3.180  5.291   7.886   1.00 9.10  ? 187 CYS A CA  1 
ATOM   187 C CA  . HIS A 1 187 ? -1.379  8.086   9.806   1.00 9.81  ? 188 HIS A CA  1 
ATOM   188 C CA  . PRO A 1 188 ? -2.038  10.256  12.912  1.00 11.06 ? 189 PRO A CA  1 
ATOM   189 C CA  . TYR A 1 189 ? -4.995  12.097  11.283  1.00 13.49 ? 190 TYR A CA  1 
ATOM   190 C CA  . LEU A 1 190 ? -6.584  8.770   10.181  1.00 9.49  ? 191 LEU A CA  1 
ATOM   191 C CA  . ALA A 1 191 ? -5.310  6.354   12.867  1.00 11.84 ? 192 ALA A CA  1 
ATOM   192 C CA  . GLN A 1 192 ? -7.528  3.390   11.827  1.00 11.12 ? 193 GLN A CA  1 
ATOM   193 C CA  . ASN A 1 193 ? -7.790  2.159   15.420  1.00 12.04 ? 194 ASN A CA  1 
ATOM   194 C CA  . GLU A 1 194 ? -11.055 0.283   14.884  1.00 13.50 ? 195 GLU A CA  1 
ATOM   195 C CA  . LEU A 1 195 ? -9.970  -1.370  11.647  1.00 13.99 ? 196 LEU A CA  1 
ATOM   196 C CA  . ILE A 1 196 ? -6.526  -2.365  12.996  1.00 11.80 ? 197 ILE A CA  1 
ATOM   197 C CA  . ALA A 1 197 ? -8.131  -4.017  16.028  1.00 12.27 ? 198 ALA A CA  1 
ATOM   198 C CA  . HIS A 1 198 ? -10.461 -5.792  13.577  1.00 13.55 ? 199 HIS A CA  1 
ATOM   199 C CA  . CYS A 1 199 ? -7.546  -7.065  11.518  1.00 12.46 ? 200 CYS A CA  1 
ATOM   200 C CA  . GLN A 1 200 ? -5.705  -8.111  14.696  1.00 15.94 ? 201 GLN A CA  1 
ATOM   201 C CA  . ALA A 1 201 ? -8.462  -10.471 15.843  1.00 14.74 ? 202 ALA A CA  1 
ATOM   202 C CA  . ARG A 1 202 ? -8.473  -12.046 12.371  1.00 13.50 ? 203 ARG A CA  1 
ATOM   203 C CA  . GLY A 1 203 ? -4.803  -12.609 11.693  1.00 7.77  ? 204 GLY A CA  1 
ATOM   204 C CA  . LEU A 1 204 ? -4.340  -9.769  9.230   1.00 9.03  ? 205 LEU A CA  1 
ATOM   205 C CA  . GLU A 1 205 ? -1.305  -7.480  9.661   1.00 10.49 ? 206 GLU A CA  1 
ATOM   206 C CA  . VAL A 1 206 ? -1.908  -3.893  8.568   1.00 7.77  ? 207 VAL A CA  1 
ATOM   207 C CA  . THR A 1 207 ? 0.141   -1.767  6.166   1.00 7.79  ? 208 THR A CA  1 
ATOM   208 C CA  . ALA A 1 208 ? -0.235  1.982   6.246   1.00 6.39  ? 209 ALA A CA  1 
ATOM   209 C CA  . TYR A 1 209 ? -0.247  3.564   2.838   1.00 6.61  ? 210 TYR A CA  1 
ATOM   210 C CA  . SER A 1 210 ? 0.376   7.330   2.630   1.00 5.43  ? 211 SER A CA  1 
ATOM   211 C CA  . PRO A 1 211 ? 2.124   7.185   6.104   1.00 9.20  ? 212 PRO A CA  1 
ATOM   212 C CA  . LEU A 1 212 ? 3.423   10.711  5.577   1.00 9.44  ? 213 LEU A CA  1 
ATOM   213 C CA  . GLY A 1 213 ? 0.098   12.161  4.468   1.00 9.85  ? 214 GLY A CA  1 
ATOM   214 C CA  . SER A 1 214 ? 1.173   11.960  0.814   1.00 19.18 ? 215 SER A CA  1 
ATOM   215 C CA  . SER A 1 215 ? 1.864   15.701  0.495   1.00 28.54 ? 216 SER A CA  1 
ATOM   216 C CA  . ASP A 1 216 ? 2.677   14.480  -3.058  1.00 32.70 ? 217 ASP A CA  1 
ATOM   217 C CA  . ARG A 1 217 ? -1.106  14.184  -3.754  1.00 35.20 ? 218 ARG A CA  1 
ATOM   218 C CA  . ALA A 1 218 ? -1.681  15.402  -7.290  1.00 39.51 ? 219 ALA A CA  1 
ATOM   219 C CA  . TRP A 1 219 ? -4.752  17.073  -5.792  1.00 41.45 ? 220 TRP A CA  1 
ATOM   220 C CA  . ARG A 1 220 ? -3.089  18.687  -2.713  1.00 41.92 ? 221 ARG A CA  1 
ATOM   221 C CA  . ASP A 1 221 ? -4.927  21.983  -3.445  1.00 44.10 ? 222 ASP A CA  1 
ATOM   222 C CA  . PRO A 1 222 ? -6.846  23.099  -1.248  1.00 43.65 ? 223 PRO A CA  1 
ATOM   223 C CA  . ASN A 1 223 ? -3.641  22.502  0.786   1.00 42.50 ? 224 ASN A CA  1 
ATOM   224 C CA  . GLU A 1 224 ? -3.499  21.607  4.489   1.00 39.02 ? 225 GLU A CA  1 
ATOM   225 C CA  . PRO A 1 225 ? -4.065  20.319  7.167   1.00 31.58 ? 226 PRO A CA  1 
ATOM   226 C CA  . VAL A 1 226 ? -0.531  19.149  6.327   1.00 25.18 ? 227 VAL A CA  1 
ATOM   227 C CA  . LEU A 1 227 ? 0.469   16.293  8.608   1.00 19.45 ? 228 LEU A CA  1 
ATOM   228 C CA  . LEU A 1 228 ? 4.244   16.878  8.333   1.00 18.99 ? 229 LEU A CA  1 
ATOM   229 C CA  . GLU A 1 229 ? 3.574   20.429  9.466   1.00 21.85 ? 230 GLU A CA  1 
ATOM   230 C CA  . GLU A 1 230 ? 1.590   19.329  12.528  1.00 21.60 ? 231 GLU A CA  1 
ATOM   231 C CA  . PRO A 1 231 ? 2.871   21.050  15.739  1.00 24.29 ? 232 PRO A CA  1 
ATOM   232 C CA  . VAL A 1 232 ? 3.123   18.046  18.108  1.00 21.11 ? 233 VAL A CA  1 
ATOM   233 C CA  . VAL A 1 233 ? 5.032   16.235  15.340  1.00 14.82 ? 234 VAL A CA  1 
ATOM   234 C CA  . GLN A 1 234 ? 7.496   19.145  14.845  1.00 18.99 ? 235 GLN A CA  1 
ATOM   235 C CA  . ALA A 1 235 ? 7.764   19.406  18.634  1.00 17.01 ? 236 ALA A CA  1 
ATOM   236 C CA  . LEU A 1 236 ? 8.661   15.726  18.904  1.00 13.67 ? 237 LEU A CA  1 
ATOM   237 C CA  . ALA A 1 237 ? 10.997  16.064  15.951  1.00 12.57 ? 238 ALA A CA  1 
ATOM   238 C CA  . GLU A 1 238 ? 13.010  18.696  17.788  1.00 19.52 ? 239 GLU A CA  1 
ATOM   239 C CA  . LYS A 1 239 ? 12.950  16.646  20.998  1.00 17.43 ? 240 LYS A CA  1 
ATOM   240 C CA  . TYR A 1 240 ? 14.369  13.558  19.337  1.00 15.84 ? 241 TYR A CA  1 
ATOM   241 C CA  . ASN A 1 241 ? 16.758  15.208  16.889  1.00 16.22 ? 242 ASN A CA  1 
ATOM   242 C CA  . ARG A 1 242 ? 14.689  13.563  14.108  1.00 15.93 ? 243 ARG A CA  1 
ATOM   243 C CA  . SER A 1 243 ? 12.706  14.679  11.061  1.00 15.88 ? 244 SER A CA  1 
ATOM   244 C CA  . PRO A 1 244 ? 8.890   15.099  11.160  1.00 13.44 ? 245 PRO A CA  1 
ATOM   245 C CA  . ALA A 1 245 ? 8.552   12.163  8.729   1.00 11.61 ? 246 ALA A CA  1 
ATOM   246 C CA  . GLN A 1 246 ? 10.579  9.939   11.079  1.00 10.20 ? 247 GLN A CA  1 
ATOM   247 C CA  . ILE A 1 247 ? 8.144   10.860  13.846  1.00 10.01 ? 248 ILE A CA  1 
ATOM   248 C CA  . LEU A 1 248 ? 5.153   9.841   11.670  1.00 11.41 ? 249 LEU A CA  1 
ATOM   249 C CA  . LEU A 1 249 ? 6.835   6.546   10.817  1.00 9.64  ? 250 LEU A CA  1 
ATOM   250 C CA  . ARG A 1 250 ? 8.074   5.795   14.365  1.00 9.90  ? 251 ARG A CA  1 
ATOM   251 C CA  . TRP A 1 251 ? 4.546   6.186   15.664  1.00 9.05  ? 252 TRP A CA  1 
ATOM   252 C CA  . GLN A 1 252 ? 3.355   3.546   13.212  1.00 8.91  ? 253 GLN A CA  1 
ATOM   253 C CA  . VAL A 1 253 ? 6.171   1.040   13.693  1.00 9.48  ? 254 VAL A CA  1 
ATOM   254 C CA  . GLN A 1 254 ? 5.894   1.295   17.490  1.00 12.17 ? 255 GLN A CA  1 
ATOM   255 C CA  . ARG A 1 255 ? 2.191   0.346   16.989  1.00 13.49 ? 256 ARG A CA  1 
ATOM   256 C CA  . LYS A 1 256 ? 3.530   -2.549  14.902  1.00 12.38 ? 257 LYS A CA  1 
ATOM   257 C CA  . VAL A 1 257 ? 1.917   -1.178  11.743  1.00 9.02  ? 258 VAL A CA  1 
ATOM   258 C CA  . ILE A 1 258 ? 3.884   -1.745  8.536   1.00 7.54  ? 259 ILE A CA  1 
ATOM   259 C CA  . CYS A 1 259 ? 4.717   1.474   6.713   1.00 7.52  ? 260 CYS A CA  1 
ATOM   260 C CA  . ILE A 1 260 ? 5.509   1.987   3.036   1.00 4.93  ? 261 ILE A CA  1 
ATOM   261 C CA  . PRO A 1 261 ? 6.689   5.613   2.804   1.00 7.20  ? 262 PRO A CA  1 
ATOM   262 C CA  . LYS A 1 262 ? 7.431   6.740   -0.763  1.00 7.31  ? 263 LYS A CA  1 
ATOM   263 C CA  . SER A 1 263 ? 10.471  8.740   -1.739  1.00 8.75  ? 264 SER A CA  1 
ATOM   264 C CA  . VAL A 1 264 ? 12.848  9.334   -4.616  1.00 7.85  ? 265 VAL A CA  1 
ATOM   265 C CA  . THR A 1 265 ? 15.207  11.429  -2.435  1.00 8.17  ? 266 THR A CA  1 
ATOM   266 C CA  . PRO A 1 266 ? 18.172  9.417   -1.121  1.00 10.81 ? 267 PRO A CA  1 
ATOM   267 C CA  . SER A 1 267 ? 18.466  11.258  2.215   1.00 9.69  ? 268 SER A CA  1 
ATOM   268 C CA  . ARG A 1 268 ? 14.730  10.793  2.812   1.00 8.33  ? 269 ARG A CA  1 
ATOM   269 C CA  . ILE A 1 269 ? 14.744  7.121   1.786   1.00 10.63 ? 270 ILE A CA  1 
ATOM   270 C CA  . PRO A 1 270 ? 17.530  6.617   4.323   1.00 9.47  ? 271 PRO A CA  1 
ATOM   271 C CA  . GLN A 1 271 ? 15.871  8.615   7.152   1.00 10.99 ? 272 GLN A CA  1 
ATOM   272 C CA  . ASN A 1 272 ? 12.634  6.796   6.419   1.00 9.67  ? 273 ASN A CA  1 
ATOM   273 C CA  . ILE A 1 273 ? 14.022  3.388   7.313   1.00 7.59  ? 274 ILE A CA  1 
ATOM   274 C CA  . GLN A 1 274 ? 15.980  4.686   10.369  1.00 11.11 ? 275 GLN A CA  1 
ATOM   275 C CA  . VAL A 1 275 ? 13.046  4.676   12.792  1.00 11.38 ? 276 VAL A CA  1 
ATOM   276 C CA  . PHE A 1 276 ? 13.868  1.704   14.994  1.00 13.48 ? 277 PHE A CA  1 
ATOM   277 C CA  . ASP A 1 277 ? 16.602  3.384   17.078  1.00 18.13 ? 278 ASP A CA  1 
ATOM   278 C CA  . PHE A 1 278 ? 14.424  5.708   19.205  1.00 14.14 ? 279 PHE A CA  1 
ATOM   279 C CA  . THR A 1 279 ? 11.072  5.254   21.028  1.00 16.98 ? 280 THR A CA  1 
ATOM   280 C CA  . PHE A 1 280 ? 8.300   7.573   22.207  1.00 17.30 ? 281 PHE A CA  1 
ATOM   281 C CA  . SER A 1 281 ? 7.044   7.363   25.788  1.00 17.99 ? 282 SER A CA  1 
ATOM   282 C CA  . PRO A 1 282 ? 3.381   6.411   26.478  1.00 20.60 ? 283 PRO A CA  1 
ATOM   283 C CA  . GLU A 1 283 ? 2.376   10.024  27.009  1.00 21.55 ? 284 GLU A CA  1 
ATOM   284 C CA  . GLU A 1 284 ? 4.093   10.997  23.750  1.00 16.54 ? 285 GLU A CA  1 
ATOM   285 C CA  . MET A 1 285 ? 2.211   8.297   21.852  1.00 17.34 ? 286 MET A CA  1 
ATOM   286 C CA  . LYS A 1 286 ? -0.948  9.522   23.653  1.00 20.35 ? 287 LYS A CA  1 
ATOM   287 C CA  . GLN A 1 287 ? -0.207  12.910  22.124  1.00 19.06 ? 288 GLN A CA  1 
ATOM   288 C CA  . LEU A 1 288 ? 0.009   11.498  18.597  1.00 18.16 ? 289 LEU A CA  1 
ATOM   289 C CA  . ASP A 1 289 ? -3.131  9.449   19.227  1.00 19.89 ? 290 ASP A CA  1 
ATOM   290 C CA  . ALA A 1 290 ? -4.949  12.686  20.069  1.00 19.44 ? 291 ALA A CA  1 
ATOM   291 C CA  . LEU A 1 291 ? -4.461  13.872  16.486  1.00 16.19 ? 292 LEU A CA  1 
ATOM   292 C CA  . ASN A 1 292 ? -6.863  11.272  15.017  1.00 16.71 ? 293 ASN A CA  1 
ATOM   293 C CA  . LYS A 1 293 ? -9.559  13.255  13.190  1.00 22.29 ? 294 LYS A CA  1 
ATOM   294 C CA  . ASN A 1 294 ? -11.051 11.056  10.447  1.00 25.21 ? 295 ASN A CA  1 
ATOM   295 C CA  . LEU A 1 295 ? -9.246  13.023  7.739   1.00 19.14 ? 296 LEU A CA  1 
ATOM   296 C CA  . ARG A 1 296 ? -8.679  11.022  4.581   1.00 17.31 ? 297 ARG A CA  1 
ATOM   297 C CA  . PHE A 1 297 ? -6.234  12.449  2.032   1.00 19.17 ? 298 PHE A CA  1 
ATOM   298 C CA  . ILE A 1 298 ? -6.660  9.724   -0.595  1.00 17.99 ? 299 ILE A CA  1 
ATOM   299 C CA  . VAL A 1 299 ? -10.062 9.242   -2.222  1.00 20.30 ? 300 VAL A CA  1 
ATOM   300 C CA  . PRO A 1 300 ? -10.402 8.454   -5.970  1.00 21.98 ? 301 PRO A CA  1 
ATOM   301 C CA  . MET A 1 301 ? -11.253 11.516  -8.113  1.00 24.65 ? 302 MET A CA  1 
ATOM   302 C CA  . LEU A 1 302 ? -11.644 12.432  -11.834 1.00 30.40 ? 303 LEU A CA  1 
ATOM   303 C CA  . THR A 1 303 ? -12.972 15.159  -14.300 1.00 39.45 ? 304 THR A CA  1 
ATOM   304 C CA  . VAL A 1 304 ? -12.106 18.911  -14.577 1.00 44.54 ? 305 VAL A CA  1 
ATOM   305 C CA  . ASP A 1 305 ? -13.246 22.367  -15.931 1.00 45.64 ? 306 ASP A CA  1 
ATOM   306 C CA  . GLY A 1 306 ? -12.137 23.819  -12.617 1.00 45.79 ? 307 GLY A CA  1 
ATOM   307 C CA  . LYS A 1 307 ? -13.623 21.923  -9.642  1.00 45.14 ? 308 LYS A CA  1 
ATOM   308 C CA  . ARG A 1 308 ? -14.241 18.680  -7.607  1.00 43.06 ? 309 ARG A CA  1 
ATOM   309 C CA  . VAL A 1 309 ? -15.509 15.149  -8.645  1.00 35.95 ? 310 VAL A CA  1 
ATOM   310 C CA  . PRO A 1 310 ? -15.064 12.006  -6.491  1.00 29.87 ? 311 PRO A CA  1 
ATOM   311 C CA  . ARG A 1 311 ? -14.769 8.844   -8.574  1.00 23.89 ? 312 ARG A CA  1 
ATOM   312 C CA  . ASP A 1 312 ? -16.525 5.914   -6.888  1.00 19.21 ? 313 ASP A CA  1 
ATOM   313 C CA  . ALA A 1 313 ? -18.029 7.546   -3.848  1.00 15.45 ? 314 ALA A CA  1 
ATOM   314 C CA  . GLY A 1 314 ? -21.569 6.621   -4.803  1.00 20.33 ? 315 GLY A CA  1 
ATOM   315 C CA  . HIS A 1 315 ? -20.872 2.980   -5.762  1.00 15.95 ? 316 HIS A CA  1 
ATOM   316 C CA  . PRO A 1 316 ? -22.676 0.399   -3.553  1.00 13.18 ? 317 PRO A CA  1 
ATOM   317 C CA  . LEU A 1 317 ? -19.390 -1.355  -2.756  1.00 15.09 ? 318 LEU A CA  1 
ATOM   318 C CA  . TYR A 1 318 ? -17.425 1.838   -1.937  1.00 14.27 ? 319 TYR A CA  1 
ATOM   319 C CA  . PRO A 1 319 ? -15.379 0.967   1.198   1.00 13.97 ? 320 PRO A CA  1 
ATOM   320 C CA  . PHE A 1 320 ? -15.428 4.369   2.891   1.00 15.84 ? 321 PHE A CA  1 
ATOM   321 C CA  . ASN A 1 321 ? -19.104 4.612   3.965   1.00 21.51 ? 322 ASN A CA  1 
ATOM   322 C CA  . ASP A 1 322 ? -19.041 2.281   6.914   1.00 28.23 ? 323 ASP A CA  1 
ATOM   323 C CA  . PRO A 1 323 ? -17.298 3.819   9.976   1.00 33.04 ? 324 PRO A CA  1 
ATOM   324 C CA  . TYR A 1 324 ? -13.881 2.576   11.441  1.00 32.05 ? 325 TYR A CA  1 
HETATM 325 P PA  . NAP B 2 .   ? 3.574   9.131   1.344   1.00 7.37  ? 350 NAP A PA  1 
HETATM 326 O O1A . NAP B 2 .   ? 2.852   9.391   2.597   1.00 8.79  ? 350 NAP A O1A 1 
HETATM 327 O O2A . NAP B 2 .   ? 4.619   8.128   1.372   1.00 8.94  ? 350 NAP A O2A 1 
HETATM 328 O O5B . NAP B 2 .   ? 4.215   10.546  0.942   1.00 7.49  ? 350 NAP A O5B 1 
HETATM 329 C C5B . NAP B 2 .   ? 5.072   10.717  -0.179  1.00 6.53  ? 350 NAP A C5B 1 
HETATM 330 C C4B . NAP B 2 .   ? 5.589   12.173  -0.270  1.00 9.76  ? 350 NAP A C4B 1 
HETATM 331 O O4B . NAP B 2 .   ? 6.381   12.571  0.854   1.00 8.70  ? 350 NAP A O4B 1 
HETATM 332 C C3B . NAP B 2 .   ? 6.519   12.316  -1.437  1.00 9.75  ? 350 NAP A C3B 1 
HETATM 333 O O3B . NAP B 2 .   ? 6.210   13.536  -2.079  1.00 9.89  ? 350 NAP A O3B 1 
HETATM 334 C C2B . NAP B 2 .   ? 7.955   12.212  -0.924  1.00 10.68 ? 350 NAP A C2B 1 
HETATM 335 O O2B . NAP B 2 .   ? 8.794   13.130  -1.670  1.00 10.86 ? 350 NAP A O2B 1 
HETATM 336 C C1B . NAP B 2 .   ? 7.758   12.729  0.489   1.00 11.82 ? 350 NAP A C1B 1 
HETATM 337 N N9A . NAP B 2 .   ? 8.747   12.266  1.513   1.00 10.09 ? 350 NAP A N9A 1 
HETATM 338 C C8A . NAP B 2 .   ? 9.248   11.038  1.724   1.00 8.90  ? 350 NAP A C8A 1 
HETATM 339 N N7A . NAP B 2 .   ? 9.934   10.976  2.861   1.00 11.47 ? 350 NAP A N7A 1 
HETATM 340 C C5A . NAP B 2 .   ? 9.846   12.230  3.340   1.00 10.35 ? 350 NAP A C5A 1 
HETATM 341 C C6A . NAP B 2 .   ? 10.556  12.751  4.430   1.00 11.06 ? 350 NAP A C6A 1 
HETATM 342 N N6A . NAP B 2 .   ? 11.441  12.020  5.127   1.00 8.79  ? 350 NAP A N6A 1 
HETATM 343 N N1A . NAP B 2 .   ? 10.328  14.063  4.720   1.00 11.61 ? 350 NAP A N1A 1 
HETATM 344 C C2A . NAP B 2 .   ? 9.504   14.830  3.976   1.00 12.32 ? 350 NAP A C2A 1 
HETATM 345 N N3A . NAP B 2 .   ? 8.907   14.354  2.864   1.00 13.41 ? 350 NAP A N3A 1 
HETATM 346 C C4A . NAP B 2 .   ? 9.084   13.039  2.526   1.00 11.27 ? 350 NAP A C4A 1 
HETATM 347 O O3  . NAP B 2 .   ? 2.558   9.000   0.099   1.00 12.77 ? 350 NAP A O3  1 
HETATM 348 P PN  . NAP B 2 .   ? 2.034   7.792   -0.847  1.00 8.39  ? 350 NAP A PN  1 
HETATM 349 O O1N . NAP B 2 .   ? 2.933   7.643   -1.986  1.00 5.49  ? 350 NAP A O1N 1 
HETATM 350 O O2N . NAP B 2 .   ? 0.606   8.156   -1.098  1.00 10.90 ? 350 NAP A O2N 1 
HETATM 351 O O5D . NAP B 2 .   ? 2.182   6.525   0.114   1.00 12.22 ? 350 NAP A O5D 1 
HETATM 352 C C5D . NAP B 2 .   ? 3.248   5.586   0.022   1.00 7.35  ? 350 NAP A C5D 1 
HETATM 353 C C4D . NAP B 2 .   ? 3.008   4.358   -0.826  1.00 8.11  ? 350 NAP A C4D 1 
HETATM 354 O O4D . NAP B 2 .   ? 1.791   3.717   -0.448  1.00 9.98  ? 350 NAP A O4D 1 
HETATM 355 C C3D . NAP B 2 .   ? 2.723   4.623   -2.279  1.00 8.62  ? 350 NAP A C3D 1 
HETATM 356 O O3D . NAP B 2 .   ? 3.809   5.126   -3.053  1.00 6.76  ? 350 NAP A O3D 1 
HETATM 357 C C2D . NAP B 2 .   ? 2.155   3.283   -2.717  1.00 7.26  ? 350 NAP A C2D 1 
HETATM 358 O O2D . NAP B 2 .   ? 3.249   2.372   -2.772  1.00 7.17  ? 350 NAP A O2D 1 
HETATM 359 C C1D . NAP B 2 .   ? 1.197   3.049   -1.582  1.00 9.22  ? 350 NAP A C1D 1 
HETATM 360 N N1N . NAP B 2 .   ? -0.217  3.471   -1.769  1.00 9.35  ? 350 NAP A N1N 1 
HETATM 361 C C2N . NAP B 2 .   ? -1.142  2.452   -1.938  1.00 9.32  ? 350 NAP A C2N 1 
HETATM 362 C C3N . NAP B 2 .   ? -2.465  2.750   -2.254  1.00 11.11 ? 350 NAP A C3N 1 
HETATM 363 C C7N . NAP B 2 .   ? -3.518  1.635   -2.454  1.00 6.04  ? 350 NAP A C7N 1 
HETATM 364 O O7N . NAP B 2 .   ? -4.602  1.942   -2.892  1.00 8.04  ? 350 NAP A O7N 1 
HETATM 365 N N7N . NAP B 2 .   ? -3.223  0.412   -2.057  1.00 7.26  ? 350 NAP A N7N 1 
HETATM 366 C C4N . NAP B 2 .   ? -2.828  4.107   -2.356  1.00 11.41 ? 350 NAP A C4N 1 
HETATM 367 C C5N . NAP B 2 .   ? -1.907  5.153   -2.108  1.00 13.85 ? 350 NAP A C5N 1 
HETATM 368 C C6N . NAP B 2 .   ? -0.589  4.808   -1.824  1.00 9.16  ? 350 NAP A C6N 1 
HETATM 369 P P2B . NAP B 2 .   ? 10.011  12.650  -2.584  1.00 11.79 ? 350 NAP A P2B 1 
HETATM 370 O O1X . NAP B 2 .   ? 9.666   11.315  -3.176  1.00 9.50  ? 350 NAP A O1X 1 
HETATM 371 O O2X . NAP B 2 .   ? 10.158  13.722  -3.533  1.00 9.75  ? 350 NAP A O2X 1 
HETATM 372 O O3X . NAP B 2 .   ? 11.020  12.512  -1.546  1.00 11.84 ? 350 NAP A O3X 1 
# 
